data_6TUX
#
_entry.id   6TUX
#
_cell.length_a   127.650
_cell.length_b   127.650
_cell.length_c   118.960
_cell.angle_alpha   90.000
_cell.angle_beta   90.000
_cell.angle_gamma   90.000
#
_symmetry.space_group_name_H-M   'P 4 21 2'
#
loop_
_entity.id
_entity.type
_entity.pdbx_description
1 polymer 'DNA repair protein complementing XP-G cells,DNA repair protein complementing XP-G cells'
2 polymer "DNA (5'-D(P*GP*CP*AP*GP*AP*GP*TP*T)-3')"
3 polymer "DNA (5'-D(P*AP*AP*CP*TP*CP*TP*GP*C)-3')"
#
loop_
_entity_poly.entity_id
_entity_poly.type
_entity_poly.pdbx_seq_one_letter_code
_entity_poly.pdbx_strand_id
1 'polypeptide(L)'
;MGVQGLWKLLECSGRQVSPEALEGKILAVDISIWLNQALKGVRDRHGNSIENPHLLTLFHRLCKLLFFRIRPIFVFDGDA
PLLKKQTLVKRRQRKDLASSDSRKTTEKLLKTGTLKAQKQQQERIAATVTGQMFLESQELLRLFGIPYIQAPMEAEAQCA
ILDLTDQTSGTITDDSAIWLFGARHVYRNFFNKNKFVEYYQYVDFHNQLGLDRNKLINLAYLLGSDYTEGIPTVGCVTAM
EILNEFPGHGLEPLLKFSEWWHEAQKNPKIRPNPHDTKVKKKLRTLQLTPGFPNPAVAEAYLKPVVDDSKGSFLWGKPDL
DKIREFCQRYFGWNRTKTDESLFPVLKQLDA
;
A,B
2 'polydeoxyribonucleotide' (DT)(DT)(DG)(DC)(DA)(DG)(DA)(DG)(DT)(DT)(DC) C,E
3 'polydeoxyribonucleotide' (DG)(DA)(DA)(DC)(DT)(DC)(DT)(DG)(DC)(DA)(DG) D,F
#
loop_
_chem_comp.id
_chem_comp.type
_chem_comp.name
_chem_comp.formula
DA DNA linking 2'-DEOXYADENOSINE-5'-MONOPHOSPHATE 'C10 H14 N5 O6 P'
DC DNA linking 2'-DEOXYCYTIDINE-5'-MONOPHOSPHATE 'C9 H14 N3 O7 P'
DG DNA linking 2'-DEOXYGUANOSINE-5'-MONOPHOSPHATE 'C10 H14 N5 O7 P'
DT DNA linking THYMIDINE-5'-MONOPHOSPHATE 'C10 H15 N2 O8 P'
#
# COMPACT_ATOMS: atom_id res chain seq x y z
N MET A 1 -0.97 5.52 24.09
CA MET A 1 -0.45 4.17 23.98
C MET A 1 0.73 4.11 23.03
N GLY A 2 0.54 4.64 21.82
CA GLY A 2 1.59 4.63 20.82
C GLY A 2 1.73 3.31 20.12
N VAL A 3 2.97 2.86 19.94
CA VAL A 3 3.23 1.52 19.44
C VAL A 3 3.51 0.63 20.64
N GLN A 4 3.20 -0.65 20.52
CA GLN A 4 3.22 -1.57 21.66
C GLN A 4 4.58 -1.64 22.34
N GLY A 5 5.59 -2.13 21.66
CA GLY A 5 6.89 -2.31 22.28
C GLY A 5 7.99 -1.48 21.67
N LEU A 6 7.61 -0.37 21.02
CA LEU A 6 8.60 0.43 20.30
C LEU A 6 9.64 1.01 21.23
N TRP A 7 9.21 1.51 22.41
CA TRP A 7 10.16 2.11 23.34
C TRP A 7 11.16 1.08 23.85
N LYS A 8 10.71 -0.16 24.08
CA LYS A 8 11.63 -1.22 24.45
C LYS A 8 12.69 -1.44 23.38
N LEU A 9 12.28 -1.46 22.12
CA LEU A 9 13.22 -1.69 21.03
C LEU A 9 14.18 -0.53 20.83
N LEU A 10 13.72 0.69 21.05
CA LEU A 10 14.52 1.89 20.83
C LEU A 10 15.41 2.25 22.01
N GLU A 11 15.23 1.62 23.17
CA GLU A 11 15.87 2.08 24.39
C GLU A 11 17.40 2.01 24.33
N CYS A 12 17.95 1.12 23.49
CA CYS A 12 19.41 1.04 23.36
C CYS A 12 20.01 2.33 22.82
N SER A 13 19.24 3.12 22.08
CA SER A 13 19.72 4.35 21.49
C SER A 13 19.57 5.56 22.41
N GLY A 14 18.55 5.56 23.26
CA GLY A 14 18.32 6.72 24.12
C GLY A 14 19.48 6.98 25.05
N ARG A 15 19.60 8.24 25.45
CA ARG A 15 20.67 8.70 26.33
C ARG A 15 20.05 9.33 27.58
N GLN A 16 20.40 8.80 28.74
CA GLN A 16 19.88 9.35 29.99
C GLN A 16 20.41 10.76 30.20
N VAL A 17 19.57 11.61 30.78
CA VAL A 17 19.78 13.05 30.74
C VAL A 17 19.19 13.67 31.99
N SER A 18 19.92 14.63 32.57
CA SER A 18 19.40 15.42 33.68
C SER A 18 18.50 16.52 33.14
N PRO A 19 17.39 16.81 33.83
CA PRO A 19 16.43 17.80 33.30
C PRO A 19 17.05 19.16 32.98
N GLU A 20 18.21 19.46 33.57
CA GLU A 20 18.90 20.70 33.26
C GLU A 20 19.53 20.72 31.86
N ALA A 21 19.55 19.58 31.17
CA ALA A 21 20.06 19.56 29.80
C ALA A 21 19.04 20.06 28.79
N LEU A 22 17.77 20.16 29.17
CA LEU A 22 16.76 20.79 28.33
C LEU A 22 16.74 22.30 28.48
N GLU A 23 17.59 22.87 29.34
CA GLU A 23 17.60 24.31 29.56
C GLU A 23 17.93 25.05 28.27
N GLY A 24 17.11 26.06 27.95
CA GLY A 24 17.35 26.91 26.80
C GLY A 24 16.63 26.49 25.54
N LYS A 25 16.29 25.22 25.40
CA LYS A 25 15.78 24.71 24.13
C LYS A 25 14.29 25.03 23.98
N ILE A 26 13.89 25.30 22.75
CA ILE A 26 12.47 25.35 22.40
C ILE A 26 11.99 23.94 22.14
N LEU A 27 10.87 23.57 22.75
CA LEU A 27 10.32 22.22 22.58
C LEU A 27 8.80 22.26 22.54
N ALA A 28 8.23 21.40 21.70
CA ALA A 28 6.79 21.21 21.67
C ALA A 28 6.36 20.20 22.72
N VAL A 29 5.11 20.33 23.17
CA VAL A 29 4.57 19.47 24.23
C VAL A 29 3.15 19.09 23.84
N ASP A 30 2.91 17.79 23.66
CA ASP A 30 1.55 17.29 23.47
C ASP A 30 0.80 17.35 24.79
N ILE A 31 -0.24 18.18 24.84
CA ILE A 31 -1.05 18.31 26.04
C ILE A 31 -2.31 17.44 26.00
N SER A 32 -2.76 17.02 24.82
CA SER A 32 -4.03 16.31 24.71
C SER A 32 -4.02 14.96 25.42
N ILE A 33 -2.83 14.42 25.70
CA ILE A 33 -2.76 13.18 26.48
C ILE A 33 -2.89 13.44 27.97
N TRP A 34 -2.58 14.66 28.42
CA TRP A 34 -2.82 15.01 29.82
C TRP A 34 -4.31 15.15 30.10
N LEU A 35 -5.06 15.72 29.16
CA LEU A 35 -6.50 15.87 29.34
C LEU A 35 -7.21 14.54 29.20
N ASN A 36 -6.72 13.66 28.33
CA ASN A 36 -7.30 12.33 28.19
C ASN A 36 -6.98 11.43 29.38
N GLN A 37 -6.05 11.83 30.23
CA GLN A 37 -5.71 11.08 31.44
C GLN A 37 -6.43 11.61 32.67
N ALA A 38 -6.59 12.92 32.78
CA ALA A 38 -7.43 13.53 33.81
C ALA A 38 -8.82 13.82 33.27
N LEU A 39 -9.41 12.82 32.60
CA LEU A 39 -10.74 12.99 32.03
C LEU A 39 -11.82 12.84 33.09
N LYS A 40 -11.76 11.78 33.89
CA LYS A 40 -12.75 11.55 34.93
C LYS A 40 -12.14 11.66 36.34
N GLY A 41 -11.02 12.37 36.46
CA GLY A 41 -10.47 12.72 37.76
C GLY A 41 -9.94 11.54 38.54
N VAL A 42 -9.47 11.85 39.75
CA VAL A 42 -8.94 10.85 40.68
C VAL A 42 -9.26 11.31 42.09
N ARG A 43 -9.60 10.37 42.96
CA ARG A 43 -9.88 10.66 44.37
C ARG A 43 -8.61 10.39 45.16
N ASP A 44 -7.74 11.41 45.24
CA ASP A 44 -6.47 11.27 45.94
C ASP A 44 -6.48 11.91 47.33
N ARG A 45 -7.37 12.87 47.59
CA ARG A 45 -7.50 13.40 48.94
C ARG A 45 -7.88 12.28 49.89
N HIS A 46 -7.45 12.42 51.15
CA HIS A 46 -7.64 11.36 52.14
C HIS A 46 -9.10 11.05 52.41
N GLY A 47 -10.04 11.82 51.86
CA GLY A 47 -11.44 11.56 52.07
C GLY A 47 -12.33 11.87 50.88
N ASN A 48 -11.79 12.55 49.88
CA ASN A 48 -12.60 12.99 48.75
C ASN A 48 -11.72 13.03 47.50
N SER A 49 -12.21 13.71 46.47
CA SER A 49 -11.54 13.83 45.18
C SER A 49 -11.27 15.31 44.88
N ILE A 50 -10.58 15.55 43.77
CA ILE A 50 -10.19 16.89 43.38
C ILE A 50 -11.18 17.39 42.33
N GLU A 51 -11.30 18.71 42.23
CA GLU A 51 -12.30 19.31 41.34
C GLU A 51 -11.81 19.33 39.90
N ASN A 52 -10.75 20.10 39.63
CA ASN A 52 -10.15 20.22 38.31
C ASN A 52 -8.71 19.72 38.41
N PRO A 53 -8.50 18.40 38.33
CA PRO A 53 -7.12 17.89 38.45
C PRO A 53 -6.29 18.13 37.20
N HIS A 54 -6.92 18.22 36.04
CA HIS A 54 -6.17 18.51 34.81
C HIS A 54 -5.51 19.88 34.89
N LEU A 55 -6.23 20.88 35.41
CA LEU A 55 -5.61 22.19 35.62
C LEU A 55 -4.47 22.12 36.62
N LEU A 56 -4.64 21.34 37.70
CA LEU A 56 -3.62 21.25 38.72
C LEU A 56 -2.33 20.66 38.16
N THR A 57 -2.46 19.52 37.45
CA THR A 57 -1.28 18.91 36.84
C THR A 57 -0.68 19.82 35.78
N LEU A 58 -1.51 20.49 34.99
CA LEU A 58 -1.01 21.44 34.00
C LEU A 58 -0.18 22.53 34.66
N PHE A 59 -0.66 23.06 35.79
CA PHE A 59 0.05 24.13 36.48
C PHE A 59 1.38 23.64 37.04
N HIS A 60 1.37 22.47 37.69
CA HIS A 60 2.61 21.91 38.19
C HIS A 60 3.63 21.69 37.07
N ARG A 61 3.18 21.20 35.92
CA ARG A 61 4.11 20.92 34.83
C ARG A 61 4.58 22.18 34.13
N LEU A 62 3.72 23.20 34.02
CA LEU A 62 4.16 24.51 33.56
C LEU A 62 5.24 25.08 34.48
N CYS A 63 5.05 24.92 35.79
CA CYS A 63 6.05 25.38 36.74
C CYS A 63 7.37 24.65 36.55
N LYS A 64 7.31 23.33 36.36
CA LYS A 64 8.55 22.58 36.13
C LYS A 64 9.21 22.98 34.82
N LEU A 65 8.42 23.23 33.77
CA LEU A 65 8.97 23.63 32.49
C LEU A 65 9.68 24.97 32.59
N LEU A 66 9.04 25.96 33.23
CA LEU A 66 9.66 27.28 33.34
C LEU A 66 10.85 27.25 34.30
N PHE A 67 10.81 26.39 35.31
CA PHE A 67 11.94 26.24 36.22
C PHE A 67 13.22 25.85 35.47
N PHE A 68 13.09 25.07 34.40
CA PHE A 68 14.24 24.61 33.63
C PHE A 68 14.45 25.40 32.34
N ARG A 69 14.01 26.65 32.32
CA ARG A 69 14.30 27.59 31.23
C ARG A 69 13.84 27.05 29.87
N ILE A 70 12.84 26.18 29.86
CA ILE A 70 12.29 25.65 28.61
C ILE A 70 11.30 26.64 28.02
N ARG A 71 11.21 26.66 26.70
CA ARG A 71 10.32 27.54 25.95
C ARG A 71 9.29 26.68 25.21
N PRO A 72 8.23 26.26 25.90
CA PRO A 72 7.33 25.25 25.32
C PRO A 72 6.36 25.81 24.31
N ILE A 73 6.02 24.98 23.34
CA ILE A 73 4.92 25.22 22.40
C ILE A 73 3.93 24.09 22.57
N PHE A 74 2.79 24.36 23.21
CA PHE A 74 1.80 23.33 23.45
C PHE A 74 0.97 23.08 22.21
N VAL A 75 0.60 21.81 21.99
CA VAL A 75 -0.13 21.40 20.79
C VAL A 75 -1.36 20.62 21.24
N PHE A 76 -2.54 21.12 20.87
CA PHE A 76 -3.80 20.48 21.20
C PHE A 76 -4.27 19.58 20.07
N ASP A 77 -4.86 18.43 20.42
CA ASP A 77 -5.44 17.56 19.41
C ASP A 77 -6.58 18.27 18.69
N GLY A 78 -6.84 17.83 17.46
CA GLY A 78 -8.01 18.26 16.72
C GLY A 78 -9.01 17.13 16.58
N ASP A 79 -9.48 16.91 15.36
CA ASP A 79 -10.40 15.80 15.12
C ASP A 79 -9.63 14.47 15.18
N ALA A 80 -10.39 13.40 15.19
CA ALA A 80 -9.78 12.07 15.25
C ALA A 80 -9.85 11.42 13.88
N PRO A 81 -8.76 10.85 13.38
CA PRO A 81 -8.81 10.15 12.10
C PRO A 81 -9.77 8.97 12.16
N LEU A 82 -10.29 8.61 10.98
CA LEU A 82 -11.27 7.52 10.91
C LEU A 82 -10.70 6.22 11.46
N LEU A 83 -9.42 5.95 11.18
CA LEU A 83 -8.80 4.71 11.64
C LEU A 83 -8.66 4.68 13.15
N LYS A 84 -8.33 5.83 13.76
CA LYS A 84 -8.26 5.91 15.21
C LYS A 84 -9.61 5.55 15.84
N LYS A 85 -10.71 6.09 15.29
CA LYS A 85 -12.02 5.80 15.83
C LYS A 85 -12.39 4.34 15.62
N GLN A 86 -12.08 3.78 14.44
CA GLN A 86 -12.41 2.39 14.18
C GLN A 86 -11.63 1.46 15.11
N THR A 87 -10.36 1.76 15.36
CA THR A 87 -9.58 0.95 16.28
C THR A 87 -10.05 1.11 17.72
N LEU A 88 -10.49 2.31 18.11
CA LEU A 88 -11.08 2.47 19.44
C LEU A 88 -12.46 1.81 19.54
N VAL A 89 -13.09 1.53 18.39
CA VAL A 89 -14.33 0.77 18.41
C VAL A 89 -14.05 -0.72 18.54
N LYS A 90 -13.04 -1.22 17.82
CA LYS A 90 -12.70 -2.64 17.91
C LYS A 90 -12.04 -2.99 19.22
N ARG A 91 -11.38 -2.03 19.88
CA ARG A 91 -10.83 -2.26 21.21
C ARG A 91 -11.87 -2.05 22.30
N ARG A 92 -13.02 -1.45 21.96
CA ARG A 92 -14.17 -1.39 22.84
C ARG A 92 -15.11 -2.56 22.62
N GLN A 93 -15.07 -3.18 21.44
CA GLN A 93 -15.80 -4.43 21.23
C GLN A 93 -15.29 -5.55 22.12
N ARG A 94 -14.03 -5.48 22.55
CA ARG A 94 -13.53 -6.33 23.64
C ARG A 94 -13.71 -5.59 24.96
N LYS A 95 -14.97 -5.53 25.39
CA LYS A 95 -15.32 -4.96 26.70
C LYS A 95 -15.59 -6.06 27.71
N ASP A 96 -14.68 -7.03 27.78
CA ASP A 96 -14.76 -8.17 28.70
C ASP A 96 -15.97 -9.06 28.42
N LEU A 97 -16.53 -8.98 27.22
CA LEU A 97 -17.77 -9.69 26.93
C LEU A 97 -17.51 -11.13 26.51
N ALA A 98 -18.34 -12.03 27.03
CA ALA A 98 -18.28 -13.43 26.65
C ALA A 98 -19.71 -13.86 26.33
N SER A 99 -19.94 -15.16 26.26
CA SER A 99 -21.28 -15.67 25.99
C SER A 99 -22.09 -15.79 27.28
N GLN A 118 -24.90 3.03 21.52
CA GLN A 118 -24.82 4.25 22.30
C GLN A 118 -23.58 5.06 21.94
N LYS A 119 -23.18 4.99 20.67
CA LYS A 119 -21.94 5.60 20.22
C LYS A 119 -22.10 7.06 19.85
N GLN A 120 -23.32 7.53 19.60
CA GLN A 120 -23.55 8.92 19.25
C GLN A 120 -23.80 9.81 20.46
N GLN A 121 -23.91 9.24 21.67
CA GLN A 121 -24.04 10.03 22.88
C GLN A 121 -22.79 10.03 23.74
N GLN A 122 -21.76 9.26 23.36
CA GLN A 122 -20.50 9.24 24.07
C GLN A 122 -19.50 10.23 23.48
N GLU A 123 -19.42 10.28 22.14
CA GLU A 123 -18.59 11.29 21.50
C GLU A 123 -19.12 12.69 21.78
N ARG A 124 -20.44 12.85 21.88
CA ARG A 124 -20.99 14.19 22.09
C ARG A 124 -20.78 14.69 23.52
N ILE A 125 -20.70 13.79 24.50
CA ILE A 125 -20.36 14.23 25.85
C ILE A 125 -18.86 14.48 25.99
N ALA A 126 -18.04 13.56 25.45
CA ALA A 126 -16.60 13.78 25.44
C ALA A 126 -16.25 15.09 24.77
N ALA A 127 -16.96 15.43 23.68
CA ALA A 127 -16.65 16.63 22.92
C ALA A 127 -16.75 17.87 23.80
N THR A 128 -17.90 18.05 24.46
CA THR A 128 -18.12 19.28 25.22
C THR A 128 -17.29 19.30 26.50
N VAL A 129 -17.13 18.15 27.16
CA VAL A 129 -16.32 18.14 28.37
C VAL A 129 -14.87 18.49 28.04
N THR A 130 -14.33 17.88 26.99
CA THR A 130 -12.95 18.19 26.60
C THR A 130 -12.82 19.58 26.01
N GLY A 131 -13.88 20.14 25.41
CA GLY A 131 -13.77 21.50 24.94
C GLY A 131 -13.84 22.54 26.05
N GLN A 132 -14.45 22.18 27.17
CA GLN A 132 -14.34 23.06 28.34
C GLN A 132 -12.98 22.93 28.97
N MET A 133 -12.46 21.69 29.06
CA MET A 133 -11.09 21.52 29.51
C MET A 133 -10.13 22.30 28.61
N PHE A 134 -10.42 22.34 27.30
CA PHE A 134 -9.62 23.11 26.35
C PHE A 134 -9.65 24.59 26.69
N LEU A 135 -10.85 25.15 26.90
CA LEU A 135 -10.94 26.57 27.20
C LEU A 135 -10.19 26.91 28.48
N GLU A 136 -10.34 26.07 29.52
CA GLU A 136 -9.65 26.31 30.78
C GLU A 136 -8.14 26.24 30.61
N SER A 137 -7.65 25.18 29.96
CA SER A 137 -6.23 25.00 29.75
C SER A 137 -5.64 26.14 28.92
N GLN A 138 -6.34 26.57 27.88
CA GLN A 138 -5.85 27.65 27.05
C GLN A 138 -5.83 28.97 27.81
N GLU A 139 -6.83 29.20 28.68
CA GLU A 139 -6.78 30.37 29.55
C GLU A 139 -5.52 30.35 30.41
N LEU A 140 -5.25 29.22 31.08
CA LEU A 140 -4.06 29.14 31.93
C LEU A 140 -2.79 29.35 31.12
N LEU A 141 -2.72 28.77 29.91
CA LEU A 141 -1.53 28.93 29.08
C LEU A 141 -1.34 30.38 28.65
N ARG A 142 -2.43 31.07 28.30
CA ARG A 142 -2.34 32.47 27.94
C ARG A 142 -1.84 33.31 29.11
N LEU A 143 -2.32 33.01 30.32
CA LEU A 143 -1.86 33.76 31.49
C LEU A 143 -0.37 33.58 31.73
N PHE A 144 0.15 32.37 31.46
CA PHE A 144 1.59 32.13 31.59
C PHE A 144 2.40 32.69 30.43
N GLY A 145 1.74 33.18 29.38
CA GLY A 145 2.46 33.79 28.28
C GLY A 145 3.17 32.82 27.35
N ILE A 146 2.76 31.56 27.34
CA ILE A 146 3.36 30.57 26.46
C ILE A 146 2.43 30.33 25.27
N PRO A 147 2.96 30.21 24.05
CA PRO A 147 2.10 30.02 22.88
C PRO A 147 1.68 28.56 22.72
N TYR A 148 0.55 28.38 22.05
CA TYR A 148 0.01 27.07 21.78
C TYR A 148 -0.62 27.06 20.40
N ILE A 149 -0.88 25.86 19.89
CA ILE A 149 -1.43 25.68 18.55
C ILE A 149 -2.47 24.57 18.59
N GLN A 150 -3.61 24.81 17.95
CA GLN A 150 -4.67 23.82 17.80
C GLN A 150 -4.37 23.00 16.56
N ALA A 151 -3.85 21.79 16.74
CA ALA A 151 -3.55 20.93 15.61
C ALA A 151 -4.84 20.56 14.88
N PRO A 152 -4.81 20.43 13.54
CA PRO A 152 -6.04 20.10 12.83
C PRO A 152 -6.61 18.74 13.19
N MET A 153 -5.76 17.73 13.34
CA MET A 153 -6.20 16.41 13.75
C MET A 153 -5.31 15.86 14.86
N GLU A 154 -4.11 15.41 14.50
CA GLU A 154 -3.18 14.83 15.45
C GLU A 154 -2.20 15.89 15.94
N ALA A 155 -1.95 15.89 17.25
CA ALA A 155 -0.96 16.79 17.83
C ALA A 155 0.44 16.22 17.82
N GLU A 156 0.58 14.89 17.79
CA GLU A 156 1.92 14.30 17.70
C GLU A 156 2.51 14.52 16.32
N ALA A 157 1.70 14.37 15.27
CA ALA A 157 2.15 14.73 13.93
C ALA A 157 2.42 16.23 13.82
N GLN A 158 1.65 17.04 14.54
CA GLN A 158 1.87 18.49 14.53
C GLN A 158 3.16 18.86 15.24
N CYS A 159 3.56 18.08 16.24
CA CYS A 159 4.87 18.27 16.86
C CYS A 159 5.99 17.78 15.95
N ALA A 160 5.75 16.67 15.26
CA ALA A 160 6.77 16.11 14.38
C ALA A 160 7.07 17.06 13.21
N ILE A 161 6.02 17.67 12.64
CA ILE A 161 6.24 18.59 11.54
C ILE A 161 6.99 19.84 12.01
N LEU A 162 6.88 20.19 13.29
CA LEU A 162 7.66 21.31 13.81
C LEU A 162 9.11 20.90 14.03
N ASP A 163 9.32 19.68 14.51
CA ASP A 163 10.67 19.15 14.65
C ASP A 163 11.39 19.09 13.30
N LEU A 164 10.68 18.63 12.27
CA LEU A 164 11.29 18.48 10.95
C LEU A 164 11.65 19.83 10.34
N THR A 165 10.72 20.78 10.37
CA THR A 165 10.94 22.12 9.81
C THR A 165 11.93 22.95 10.63
N ASP A 166 12.61 22.34 11.61
CA ASP A 166 13.60 23.03 12.45
C ASP A 166 12.99 24.25 13.15
N GLN A 167 11.74 24.10 13.59
CA GLN A 167 11.08 25.12 14.38
C GLN A 167 11.18 24.87 15.88
N THR A 168 11.48 23.65 16.29
CA THR A 168 11.74 23.32 17.69
C THR A 168 13.03 22.53 17.79
N SER A 169 13.60 22.50 18.99
CA SER A 169 14.77 21.69 19.29
C SER A 169 14.41 20.27 19.71
N GLY A 170 13.17 19.84 19.47
CA GLY A 170 12.71 18.53 19.84
C GLY A 170 11.27 18.59 20.31
N THR A 171 10.83 17.53 20.99
CA THR A 171 9.46 17.43 21.47
C THR A 171 9.42 16.59 22.72
N ILE A 172 8.81 17.11 23.78
CA ILE A 172 8.60 16.38 25.03
C ILE A 172 7.32 15.57 24.90
N THR A 173 7.44 14.25 24.88
CA THR A 173 6.29 13.37 24.77
C THR A 173 6.72 11.96 25.15
N ASP A 174 5.75 11.14 25.54
CA ASP A 174 5.96 9.72 25.81
C ASP A 174 5.30 8.84 24.77
N ASP A 175 4.77 9.43 23.69
CA ASP A 175 4.06 8.69 22.65
C ASP A 175 5.07 8.25 21.60
N SER A 176 5.36 6.94 21.56
CA SER A 176 6.30 6.42 20.57
C SER A 176 5.80 6.64 19.14
N ALA A 177 4.48 6.71 18.96
CA ALA A 177 3.92 6.88 17.62
C ALA A 177 4.40 8.14 16.92
N ILE A 178 4.90 9.13 17.68
CA ILE A 178 5.44 10.34 17.06
C ILE A 178 6.56 9.99 16.09
N TRP A 179 7.31 8.92 16.37
CA TRP A 179 8.38 8.50 15.46
C TRP A 179 7.82 8.22 14.08
N LEU A 180 6.64 7.60 14.00
CA LEU A 180 6.03 7.27 12.73
C LEU A 180 5.61 8.50 11.95
N PHE A 181 5.53 9.66 12.60
CA PHE A 181 5.21 10.91 11.91
C PHE A 181 6.45 11.67 11.46
N GLY A 182 7.64 11.11 11.65
CA GLY A 182 8.86 11.72 11.17
C GLY A 182 9.63 12.53 12.19
N ALA A 183 9.37 12.34 13.48
CA ALA A 183 10.08 13.09 14.50
C ALA A 183 11.56 12.71 14.51
N ARG A 184 12.39 13.66 14.94
CA ARG A 184 13.84 13.48 14.95
C ARG A 184 14.45 13.56 16.34
N HIS A 185 13.93 14.43 17.21
CA HIS A 185 14.44 14.61 18.56
C HIS A 185 13.29 14.51 19.55
N VAL A 186 13.46 13.70 20.60
CA VAL A 186 12.39 13.45 21.55
C VAL A 186 12.96 13.35 22.95
N TYR A 187 12.32 14.02 23.90
CA TYR A 187 12.62 13.89 25.32
C TYR A 187 11.47 13.17 26.02
N ARG A 188 11.79 12.09 26.72
CA ARG A 188 10.80 11.17 27.26
C ARG A 188 11.05 10.99 28.75
N ASN A 189 9.97 10.72 29.49
CA ASN A 189 10.00 10.55 30.94
C ASN A 189 10.43 11.85 31.65
N PHE A 190 10.05 12.99 31.08
CA PHE A 190 10.40 14.27 31.68
C PHE A 190 9.50 14.57 32.89
N PHE A 191 8.19 14.43 32.71
CA PHE A 191 7.23 14.62 33.79
C PHE A 191 7.01 13.36 34.62
N ASN A 192 8.00 12.47 34.63
CA ASN A 192 8.03 11.33 35.54
C ASN A 192 9.11 11.57 36.58
N LYS A 193 8.77 11.37 37.85
CA LYS A 193 9.71 11.69 38.93
C LYS A 193 10.79 10.63 39.06
N ASN A 194 10.41 9.35 39.10
CA ASN A 194 11.38 8.30 39.39
C ASN A 194 12.22 7.91 38.18
N LYS A 195 11.64 7.97 36.98
CA LYS A 195 12.36 7.55 35.78
C LYS A 195 13.20 8.71 35.24
N PHE A 196 14.49 8.44 35.01
CA PHE A 196 15.38 9.42 34.40
C PHE A 196 14.80 9.92 33.09
N VAL A 197 15.03 11.21 32.81
CA VAL A 197 14.72 11.75 31.50
C VAL A 197 15.62 11.09 30.47
N GLU A 198 15.07 10.79 29.30
CA GLU A 198 15.80 10.11 28.25
C GLU A 198 15.65 10.88 26.95
N TYR A 199 16.74 10.96 26.17
CA TYR A 199 16.76 11.73 24.95
C TYR A 199 17.04 10.79 23.78
N TYR A 200 16.19 10.87 22.75
CA TYR A 200 16.27 9.99 21.59
C TYR A 200 16.40 10.82 20.32
N GLN A 201 17.34 10.45 19.46
CA GLN A 201 17.54 11.07 18.17
C GLN A 201 17.33 10.05 17.06
N TYR A 202 16.63 10.48 16.00
CA TYR A 202 16.38 9.58 14.88
C TYR A 202 17.67 9.10 14.25
N VAL A 203 18.67 9.99 14.15
CA VAL A 203 19.94 9.63 13.53
C VAL A 203 20.58 8.48 14.29
N ASP A 204 20.52 8.50 15.62
CA ASP A 204 21.23 7.51 16.42
C ASP A 204 20.60 6.13 16.27
N PHE A 205 19.28 6.01 16.38
CA PHE A 205 18.69 4.68 16.23
C PHE A 205 18.57 4.26 14.78
N HIS A 206 18.65 5.20 13.84
CA HIS A 206 18.82 4.82 12.44
C HIS A 206 20.16 4.15 12.21
N ASN A 207 21.24 4.76 12.71
CA ASN A 207 22.57 4.19 12.53
C ASN A 207 22.79 2.95 13.39
N GLN A 208 22.04 2.80 14.49
CA GLN A 208 22.17 1.62 15.34
C GLN A 208 21.32 0.46 14.84
N LEU A 209 20.01 0.65 14.78
CA LEU A 209 19.07 -0.42 14.51
C LEU A 209 18.67 -0.52 13.04
N GLY A 210 19.15 0.40 12.20
CA GLY A 210 18.74 0.39 10.81
C GLY A 210 17.28 0.70 10.59
N LEU A 211 16.65 1.39 11.52
CA LEU A 211 15.24 1.72 11.44
C LEU A 211 15.05 3.07 10.77
N ASP A 212 14.37 3.08 9.63
CA ASP A 212 13.89 4.31 9.02
C ASP A 212 12.40 4.45 9.36
N ARG A 213 11.73 5.39 8.69
CA ARG A 213 10.31 5.63 9.01
C ARG A 213 9.44 4.48 8.53
N ASN A 214 9.75 3.94 7.34
CA ASN A 214 8.91 2.87 6.78
C ASN A 214 9.00 1.60 7.62
N LYS A 215 10.19 1.27 8.12
CA LYS A 215 10.34 0.14 9.02
C LYS A 215 9.51 0.33 10.28
N LEU A 216 9.53 1.55 10.84
CA LEU A 216 8.74 1.83 12.03
C LEU A 216 7.24 1.71 11.74
N ILE A 217 6.82 2.10 10.54
CA ILE A 217 5.40 1.97 10.18
C ILE A 217 5.00 0.50 10.07
N ASN A 218 5.84 -0.31 9.42
CA ASN A 218 5.58 -1.75 9.39
C ASN A 218 5.59 -2.35 10.79
N LEU A 219 6.43 -1.81 11.67
CA LEU A 219 6.41 -2.23 13.07
C LEU A 219 5.08 -1.88 13.72
N ALA A 220 4.50 -0.72 13.38
CA ALA A 220 3.17 -0.40 13.88
C ALA A 220 2.12 -1.35 13.34
N TYR A 221 2.27 -1.77 12.08
CA TYR A 221 1.40 -2.80 11.52
C TYR A 221 1.46 -4.08 12.34
N LEU A 222 2.66 -4.50 12.72
CA LEU A 222 2.80 -5.79 13.39
C LEU A 222 2.43 -5.71 14.87
N LEU A 223 2.98 -4.71 15.59
CA LEU A 223 2.79 -4.61 17.03
C LEU A 223 1.43 -4.04 17.39
N GLY A 224 0.93 -3.09 16.61
CA GLY A 224 -0.35 -2.48 16.90
C GLY A 224 -0.18 -1.06 17.41
N SER A 225 -1.18 -0.23 17.11
CA SER A 225 -1.16 1.17 17.51
C SER A 225 -2.60 1.67 17.55
N ASP A 226 -2.77 2.99 17.74
CA ASP A 226 -4.10 3.59 17.69
C ASP A 226 -4.72 3.51 16.30
N TYR A 227 -3.95 3.15 15.27
CA TYR A 227 -4.48 3.06 13.92
C TYR A 227 -4.79 1.63 13.49
N THR A 228 -4.23 0.63 14.17
CA THR A 228 -4.50 -0.76 13.84
C THR A 228 -4.06 -1.64 15.00
N GLU A 229 -4.80 -2.71 15.22
CA GLU A 229 -4.40 -3.73 16.18
C GLU A 229 -3.45 -4.73 15.51
N GLY A 230 -2.46 -5.19 16.27
CA GLY A 230 -1.36 -5.96 15.72
C GLY A 230 -1.67 -7.44 15.53
N ILE A 231 -0.63 -8.24 15.66
CA ILE A 231 -0.73 -9.70 15.64
C ILE A 231 -0.59 -10.20 17.08
N PRO A 232 -1.55 -10.96 17.60
CA PRO A 232 -1.61 -11.18 19.05
C PRO A 232 -0.34 -11.76 19.66
N THR A 233 0.38 -12.61 18.93
CA THR A 233 1.58 -13.24 19.50
C THR A 233 2.78 -12.30 19.49
N VAL A 234 2.89 -11.45 18.46
CA VAL A 234 4.17 -10.84 18.14
C VAL A 234 4.53 -9.75 19.15
N GLY A 235 5.80 -9.72 19.54
CA GLY A 235 6.38 -8.59 20.23
C GLY A 235 7.46 -7.98 19.37
N CYS A 236 8.25 -7.04 19.92
CA CYS A 236 9.22 -6.32 19.11
C CYS A 236 10.26 -7.27 18.51
N VAL A 237 10.62 -8.33 19.23
CA VAL A 237 11.62 -9.27 18.72
C VAL A 237 11.08 -10.02 17.51
N THR A 238 9.88 -10.60 17.64
CA THR A 238 9.27 -11.30 16.52
C THR A 238 9.01 -10.36 15.35
N ALA A 239 8.60 -9.12 15.65
CA ALA A 239 8.35 -8.14 14.59
C ALA A 239 9.63 -7.82 13.82
N MET A 240 10.74 -7.62 14.53
CA MET A 240 12.00 -7.35 13.85
C MET A 240 12.47 -8.56 13.07
N GLU A 241 12.27 -9.77 13.61
CA GLU A 241 12.61 -10.98 12.86
C GLU A 241 11.79 -11.07 11.57
N ILE A 242 10.51 -10.71 11.62
CA ILE A 242 9.67 -10.68 10.43
C ILE A 242 10.25 -9.69 9.41
N LEU A 243 10.40 -8.43 9.84
CA LEU A 243 10.87 -7.40 8.92
C LEU A 243 12.26 -7.70 8.37
N ASN A 244 13.06 -8.50 9.07
CA ASN A 244 14.35 -8.92 8.55
C ASN A 244 14.28 -10.22 7.75
N GLU A 245 13.15 -10.91 7.79
CA GLU A 245 12.97 -12.14 7.02
C GLU A 245 12.34 -11.88 5.65
N PHE A 246 11.69 -10.73 5.47
CA PHE A 246 11.05 -10.37 4.20
C PHE A 246 11.51 -8.99 3.75
N PRO A 247 12.81 -8.81 3.48
CA PRO A 247 13.34 -7.46 3.24
C PRO A 247 12.74 -6.84 1.99
N GLY A 248 12.41 -5.56 2.09
CA GLY A 248 11.85 -4.82 0.96
C GLY A 248 11.77 -3.35 1.30
N HIS A 249 11.30 -2.58 0.32
CA HIS A 249 11.15 -1.13 0.46
C HIS A 249 9.71 -0.81 0.83
N GLY A 250 9.54 0.20 1.68
CA GLY A 250 8.21 0.69 2.00
C GLY A 250 7.37 -0.39 2.66
N LEU A 251 6.25 -0.73 2.00
CA LEU A 251 5.26 -1.64 2.52
C LEU A 251 5.44 -3.06 1.99
N GLU A 252 6.41 -3.28 1.11
CA GLU A 252 6.64 -4.60 0.54
C GLU A 252 6.81 -5.72 1.58
N PRO A 253 7.59 -5.55 2.66
CA PRO A 253 7.78 -6.68 3.59
C PRO A 253 6.48 -7.29 4.10
N LEU A 254 5.50 -6.46 4.46
CA LEU A 254 4.24 -7.00 4.95
C LEU A 254 3.45 -7.71 3.85
N LEU A 255 3.58 -7.26 2.60
CA LEU A 255 2.95 -7.98 1.50
C LEU A 255 3.57 -9.36 1.31
N LYS A 256 4.90 -9.41 1.31
CA LYS A 256 5.57 -10.70 1.22
C LYS A 256 5.18 -11.61 2.38
N PHE A 257 5.09 -11.05 3.59
CA PHE A 257 4.73 -11.84 4.75
C PHE A 257 3.31 -12.37 4.63
N SER A 258 2.36 -11.54 4.18
CA SER A 258 0.98 -11.98 4.05
C SER A 258 0.84 -13.07 3.00
N GLU A 259 1.48 -12.88 1.83
CA GLU A 259 1.49 -13.91 0.80
C GLU A 259 2.06 -15.22 1.33
N TRP A 260 3.25 -15.15 1.93
CA TRP A 260 3.91 -16.34 2.46
C TRP A 260 3.09 -17.02 3.54
N TRP A 261 2.34 -16.25 4.34
CA TRP A 261 1.55 -16.84 5.40
C TRP A 261 0.27 -17.47 4.86
N HIS A 262 -0.32 -16.87 3.83
CA HIS A 262 -1.50 -17.46 3.20
C HIS A 262 -1.16 -18.79 2.53
N GLU A 263 -0.06 -18.84 1.77
CA GLU A 263 0.33 -20.12 1.21
C GLU A 263 0.93 -21.05 2.26
N ALA A 264 1.41 -20.51 3.39
CA ALA A 264 1.89 -21.35 4.47
C ALA A 264 0.76 -22.08 5.16
N GLN A 265 -0.40 -21.43 5.26
CA GLN A 265 -1.61 -22.05 5.80
C GLN A 265 -2.48 -22.62 4.68
N LYS A 266 -1.83 -23.36 3.77
CA LYS A 266 -2.48 -23.92 2.58
C LYS A 266 -2.01 -25.37 2.45
N ASN A 267 -2.68 -26.26 3.18
CA ASN A 267 -2.40 -27.70 3.23
C ASN A 267 -0.90 -28.01 3.33
N PRO A 268 -0.21 -27.47 4.34
CA PRO A 268 1.22 -27.71 4.46
C PRO A 268 1.52 -29.03 5.17
N LYS A 269 2.76 -29.47 5.04
CA LYS A 269 3.23 -30.69 5.69
C LYS A 269 4.64 -30.52 6.23
N ASN A 273 9.24 -30.42 5.52
CA ASN A 273 9.51 -29.02 5.25
C ASN A 273 10.93 -28.85 4.71
N PRO A 274 11.08 -28.01 3.64
CA PRO A 274 12.38 -27.74 3.00
C PRO A 274 13.28 -26.84 3.83
N HIS A 275 13.40 -27.16 5.13
CA HIS A 275 14.25 -26.44 6.07
C HIS A 275 13.87 -24.96 6.14
N ASP A 276 12.64 -24.71 6.60
CA ASP A 276 12.24 -23.36 6.95
C ASP A 276 12.99 -22.91 8.20
N THR A 277 13.48 -21.67 8.18
CA THR A 277 14.14 -21.12 9.35
C THR A 277 13.19 -21.18 10.55
N LYS A 278 13.78 -21.37 11.74
CA LYS A 278 12.99 -21.46 12.96
C LYS A 278 12.01 -20.31 13.10
N VAL A 279 12.35 -19.14 12.54
CA VAL A 279 11.42 -18.01 12.55
C VAL A 279 10.18 -18.34 11.73
N LYS A 280 10.37 -18.99 10.56
CA LYS A 280 9.23 -19.36 9.75
C LYS A 280 8.48 -20.55 10.34
N LYS A 281 9.17 -21.40 11.11
CA LYS A 281 8.46 -22.42 11.88
C LYS A 281 7.60 -21.79 12.96
N LYS A 282 8.01 -20.63 13.48
CA LYS A 282 7.22 -19.95 14.51
C LYS A 282 6.09 -19.11 13.91
N LEU A 283 6.27 -18.60 12.69
CA LEU A 283 5.30 -17.67 12.13
C LEU A 283 4.09 -18.38 11.54
N ARG A 284 4.23 -19.62 11.08
CA ARG A 284 3.07 -20.34 10.58
C ARG A 284 2.01 -20.53 11.66
N THR A 285 2.39 -20.44 12.94
CA THR A 285 1.44 -20.63 14.02
C THR A 285 0.51 -19.43 14.14
N LEU A 286 1.07 -18.23 14.30
CA LEU A 286 0.28 -17.05 14.60
C LEU A 286 -0.67 -16.71 13.45
N GLN A 287 -1.78 -16.05 13.80
CA GLN A 287 -2.87 -15.79 12.87
C GLN A 287 -2.84 -14.36 12.36
N LEU A 288 -3.51 -14.14 11.23
CA LEU A 288 -3.55 -12.85 10.57
C LEU A 288 -4.99 -12.40 10.34
N THR A 289 -5.18 -11.10 10.34
CA THR A 289 -6.47 -10.52 9.98
C THR A 289 -6.77 -10.79 8.51
N PRO A 290 -8.04 -11.08 8.16
CA PRO A 290 -8.35 -11.40 6.75
C PRO A 290 -8.09 -10.25 5.79
N GLY A 291 -7.81 -9.04 6.28
CA GLY A 291 -7.53 -7.91 5.42
C GLY A 291 -6.11 -7.39 5.52
N PHE A 292 -5.22 -8.13 6.17
CA PHE A 292 -3.87 -7.66 6.41
C PHE A 292 -3.06 -7.70 5.12
N PRO A 293 -2.25 -6.67 4.84
CA PRO A 293 -2.18 -5.40 5.57
C PRO A 293 -3.09 -4.35 4.97
N ASN A 294 -3.43 -3.32 5.74
CA ASN A 294 -4.33 -2.27 5.28
C ASN A 294 -3.51 -1.05 4.92
N PRO A 295 -3.32 -0.74 3.64
CA PRO A 295 -2.42 0.37 3.27
C PRO A 295 -2.88 1.72 3.78
N ALA A 296 -4.14 1.86 4.20
CA ALA A 296 -4.60 3.12 4.76
C ALA A 296 -3.86 3.48 6.04
N VAL A 297 -3.40 2.48 6.79
CA VAL A 297 -2.61 2.75 8.00
C VAL A 297 -1.30 3.44 7.63
N ALA A 298 -0.54 2.82 6.71
CA ALA A 298 0.71 3.41 6.27
C ALA A 298 0.50 4.77 5.63
N GLU A 299 -0.63 4.96 4.93
CA GLU A 299 -0.92 6.26 4.34
C GLU A 299 -1.16 7.30 5.43
N ALA A 300 -1.97 6.95 6.44
CA ALA A 300 -2.26 7.90 7.52
C ALA A 300 -1.01 8.24 8.32
N TYR A 301 -0.03 7.33 8.37
CA TYR A 301 1.22 7.69 9.02
C TYR A 301 2.13 8.51 8.11
N LEU A 302 2.16 8.21 6.81
CA LEU A 302 3.08 8.93 5.92
C LEU A 302 2.60 10.35 5.64
N LYS A 303 1.32 10.52 5.29
CA LYS A 303 0.75 11.82 4.91
C LYS A 303 -0.40 12.14 5.85
N PRO A 304 -0.11 12.66 7.04
CA PRO A 304 -1.19 13.09 7.94
C PRO A 304 -1.56 14.55 7.75
N VAL A 305 -2.50 15.04 8.56
CA VAL A 305 -2.98 16.42 8.47
C VAL A 305 -2.27 17.24 9.53
N VAL A 306 -1.48 18.23 9.09
CA VAL A 306 -0.79 19.15 9.98
C VAL A 306 -0.87 20.55 9.39
N ASP A 307 -0.40 21.53 10.15
CA ASP A 307 -0.31 22.91 9.68
C ASP A 307 1.07 23.12 9.07
N ASP A 308 1.15 23.00 7.74
CA ASP A 308 2.37 23.28 6.99
C ASP A 308 2.90 24.70 7.20
N SER A 309 2.15 25.56 7.88
CA SER A 309 2.57 26.94 8.07
C SER A 309 3.90 27.03 8.80
N LYS A 310 4.66 28.07 8.50
CA LYS A 310 5.91 28.37 9.20
C LYS A 310 5.61 29.41 10.27
N GLY A 311 5.82 29.03 11.52
CA GLY A 311 5.45 29.89 12.63
C GLY A 311 6.61 30.74 13.13
N SER A 312 6.25 31.81 13.82
CA SER A 312 7.20 32.73 14.45
C SER A 312 6.75 32.87 15.90
N PHE A 313 7.27 32.01 16.76
CA PHE A 313 6.76 31.86 18.12
C PHE A 313 7.37 32.89 19.06
N LEU A 314 6.56 33.35 20.01
CA LEU A 314 6.99 34.34 20.99
C LEU A 314 6.48 33.92 22.37
N TRP A 315 7.23 34.29 23.40
CA TRP A 315 6.95 33.91 24.77
C TRP A 315 6.80 35.17 25.61
N GLY A 316 5.59 35.44 26.08
CA GLY A 316 5.35 36.63 26.87
C GLY A 316 5.66 36.44 28.33
N LYS A 317 5.84 37.57 29.02
CA LYS A 317 6.11 37.55 30.45
C LYS A 317 4.82 37.25 31.22
N PRO A 318 4.86 36.36 32.20
CA PRO A 318 3.65 36.10 33.01
C PRO A 318 3.29 37.31 33.85
N ASP A 319 2.04 37.31 34.33
CA ASP A 319 1.56 38.31 35.27
C ASP A 319 0.92 37.61 36.47
N LEU A 320 1.46 37.89 37.67
CA LEU A 320 1.11 37.10 38.85
C LEU A 320 -0.31 37.34 39.32
N ASP A 321 -0.89 38.51 39.03
CA ASP A 321 -2.24 38.79 39.53
C ASP A 321 -3.27 37.92 38.82
N LYS A 322 -3.19 37.83 37.49
CA LYS A 322 -4.09 36.94 36.75
C LYS A 322 -3.88 35.49 37.15
N ILE A 323 -2.63 35.09 37.38
CA ILE A 323 -2.33 33.72 37.77
C ILE A 323 -2.94 33.41 39.14
N ARG A 324 -2.84 34.35 40.08
CA ARG A 324 -3.39 34.14 41.41
C ARG A 324 -4.92 34.10 41.36
N GLU A 325 -5.52 34.98 40.56
CA GLU A 325 -6.97 34.95 40.39
C GLU A 325 -7.42 33.61 39.82
N PHE A 326 -6.72 33.10 38.81
CA PHE A 326 -7.04 31.81 38.22
C PHE A 326 -6.90 30.68 39.24
N CYS A 327 -5.79 30.71 39.99
CA CYS A 327 -5.53 29.66 40.99
C CYS A 327 -6.60 29.66 42.07
N GLN A 328 -7.03 30.85 42.50
CA GLN A 328 -8.08 30.94 43.50
C GLN A 328 -9.43 30.51 42.94
N ARG A 329 -9.69 30.81 41.66
CA ARG A 329 -11.00 30.47 41.11
C ARG A 329 -11.13 28.98 40.80
N TYR A 330 -10.03 28.30 40.47
CA TYR A 330 -10.09 26.90 40.08
C TYR A 330 -9.59 25.91 41.12
N PHE A 331 -8.77 26.34 42.08
CA PHE A 331 -8.34 25.49 43.17
C PHE A 331 -8.64 26.06 44.55
N GLY A 332 -8.86 27.36 44.67
CA GLY A 332 -9.05 27.97 45.97
C GLY A 332 -7.76 28.25 46.71
N TRP A 333 -6.77 28.80 46.01
CA TRP A 333 -5.47 29.12 46.58
C TRP A 333 -5.41 30.59 46.95
N ASN A 334 -4.81 30.88 48.10
CA ASN A 334 -4.54 32.25 48.50
C ASN A 334 -3.21 32.71 47.93
N ARG A 335 -2.94 34.01 48.07
CA ARG A 335 -1.76 34.60 47.46
C ARG A 335 -0.48 33.95 47.93
N THR A 336 -0.40 33.57 49.21
CA THR A 336 0.88 33.10 49.72
C THR A 336 1.16 31.64 49.34
N LYS A 337 0.17 30.89 48.88
CA LYS A 337 0.41 29.53 48.41
C LYS A 337 0.79 29.53 46.94
N THR A 338 0.01 30.22 46.12
CA THR A 338 0.39 30.35 44.72
C THR A 338 1.78 30.98 44.61
N ASP A 339 2.02 32.05 45.40
CA ASP A 339 3.32 32.70 45.41
C ASP A 339 4.42 31.76 45.89
N GLU A 340 4.12 30.89 46.87
CA GLU A 340 5.12 29.95 47.34
C GLU A 340 5.48 28.94 46.24
N SER A 341 4.47 28.44 45.53
CA SER A 341 4.72 27.56 44.40
C SER A 341 5.23 28.31 43.16
N LEU A 342 5.23 29.64 43.17
CA LEU A 342 5.79 30.43 42.09
C LEU A 342 7.12 31.08 42.43
N PHE A 343 7.58 30.97 43.68
CA PHE A 343 8.86 31.55 44.07
C PHE A 343 10.02 31.09 43.19
N PRO A 344 10.28 29.78 43.02
CA PRO A 344 11.47 29.39 42.24
C PRO A 344 11.36 29.75 40.77
N VAL A 345 10.15 29.73 40.20
CA VAL A 345 9.99 30.03 38.79
C VAL A 345 10.41 31.47 38.50
N LEU A 346 9.85 32.42 39.25
CA LEU A 346 10.26 33.82 39.08
C LEU A 346 11.71 34.02 39.47
N LYS A 347 12.22 33.24 40.43
CA LYS A 347 13.63 33.31 40.79
C LYS A 347 14.51 33.00 39.58
N GLN A 348 14.18 31.93 38.85
CA GLN A 348 14.97 31.58 37.66
C GLN A 348 14.78 32.60 36.54
N LEU A 349 13.54 33.05 36.33
CA LEU A 349 13.26 34.03 35.28
C LEU A 349 13.73 35.40 35.75
N ASP A 350 15.04 35.64 35.59
CA ASP A 350 15.65 36.93 35.89
C ASP A 350 16.09 37.66 34.63
N ALA A 351 17.04 37.08 33.89
CA ALA A 351 17.52 37.70 32.66
C ALA A 351 16.70 37.25 31.46
N MET B 1 -10.42 -12.77 -19.64
CA MET B 1 -8.99 -12.60 -19.80
C MET B 1 -8.63 -11.11 -19.92
N GLY B 2 -7.78 -10.64 -19.02
CA GLY B 2 -7.35 -9.25 -19.04
C GLY B 2 -8.33 -8.33 -18.34
N VAL B 3 -8.22 -7.05 -18.67
CA VAL B 3 -9.15 -6.03 -18.17
C VAL B 3 -10.28 -5.88 -19.19
N GLN B 4 -11.51 -6.10 -18.72
CA GLN B 4 -12.63 -6.31 -19.64
C GLN B 4 -12.91 -5.06 -20.48
N GLY B 5 -12.98 -3.90 -19.84
CA GLY B 5 -13.34 -2.68 -20.53
C GLY B 5 -12.20 -1.84 -21.04
N LEU B 6 -10.96 -2.33 -20.97
CA LEU B 6 -9.81 -1.48 -21.27
C LEU B 6 -9.73 -1.14 -22.75
N TRP B 7 -9.97 -2.13 -23.61
CA TRP B 7 -9.86 -1.90 -25.06
C TRP B 7 -10.88 -0.86 -25.52
N LYS B 8 -12.11 -0.95 -25.03
CA LYS B 8 -13.13 0.04 -25.38
C LYS B 8 -12.70 1.45 -24.99
N LEU B 9 -11.87 1.57 -23.95
CA LEU B 9 -11.41 2.87 -23.50
C LEU B 9 -10.21 3.37 -24.30
N LEU B 10 -9.33 2.47 -24.74
CA LEU B 10 -8.17 2.89 -25.52
C LEU B 10 -8.42 3.00 -27.01
N GLU B 11 -9.55 2.48 -27.53
CA GLU B 11 -9.73 2.35 -28.96
C GLU B 11 -9.57 3.67 -29.71
N CYS B 12 -9.93 4.79 -29.07
CA CYS B 12 -9.79 6.09 -29.73
C CYS B 12 -8.34 6.41 -30.07
N SER B 13 -7.40 5.91 -29.27
CA SER B 13 -5.97 6.11 -29.51
C SER B 13 -5.32 4.85 -30.09
N GLY B 14 -5.94 4.28 -31.10
CA GLY B 14 -5.40 3.12 -31.78
C GLY B 14 -5.55 3.23 -33.28
N ARG B 15 -4.48 3.01 -34.03
CA ARG B 15 -4.48 3.25 -35.47
C ARG B 15 -4.54 1.91 -36.20
N GLN B 16 -5.57 1.72 -37.00
CA GLN B 16 -5.68 0.49 -37.78
C GLN B 16 -4.81 0.58 -39.02
N VAL B 17 -4.13 -0.53 -39.33
CA VAL B 17 -3.16 -0.60 -40.41
C VAL B 17 -3.26 -1.96 -41.07
N SER B 18 -2.80 -2.02 -42.32
CA SER B 18 -2.74 -3.30 -43.00
C SER B 18 -1.50 -4.08 -42.55
N PRO B 19 -1.59 -5.41 -42.51
CA PRO B 19 -0.48 -6.21 -41.95
C PRO B 19 0.86 -5.94 -42.60
N GLU B 20 0.89 -5.46 -43.85
CA GLU B 20 2.14 -5.09 -44.51
C GLU B 20 2.94 -4.04 -43.75
N ALA B 21 2.35 -3.42 -42.73
CA ALA B 21 3.12 -2.50 -41.89
C ALA B 21 4.13 -3.26 -41.04
N LEU B 22 3.74 -4.41 -40.49
CA LEU B 22 4.58 -5.17 -39.56
C LEU B 22 5.76 -5.87 -40.25
N GLU B 23 5.99 -5.64 -41.54
CA GLU B 23 7.05 -6.31 -42.26
C GLU B 23 8.42 -5.95 -41.71
N GLY B 24 9.23 -6.97 -41.44
CA GLY B 24 10.61 -6.77 -41.05
C GLY B 24 10.86 -6.55 -39.58
N LYS B 25 9.82 -6.44 -38.77
CA LYS B 25 10.00 -6.10 -37.37
C LYS B 25 10.09 -7.36 -36.50
N ILE B 26 10.68 -7.19 -35.33
CA ILE B 26 10.83 -8.26 -34.35
C ILE B 26 9.75 -8.05 -33.29
N LEU B 27 8.73 -8.91 -33.31
CA LEU B 27 7.60 -8.80 -32.40
C LEU B 27 7.43 -10.08 -31.60
N ALA B 28 7.11 -9.94 -30.32
CA ALA B 28 6.85 -11.08 -29.48
C ALA B 28 5.42 -11.58 -29.68
N VAL B 29 5.18 -12.84 -29.35
CA VAL B 29 3.88 -13.47 -29.57
C VAL B 29 3.54 -14.33 -28.36
N ASP B 30 2.39 -14.05 -27.74
CA ASP B 30 1.87 -14.89 -26.66
C ASP B 30 1.11 -16.07 -27.27
N ILE B 31 1.66 -17.27 -27.11
CA ILE B 31 1.03 -18.47 -27.67
C ILE B 31 0.13 -19.18 -26.67
N SER B 32 0.29 -18.92 -25.36
CA SER B 32 -0.46 -19.66 -24.36
C SER B 32 -1.96 -19.41 -24.46
N ILE B 33 -2.37 -18.21 -24.89
CA ILE B 33 -3.79 -17.92 -25.01
C ILE B 33 -4.45 -18.86 -26.01
N TRP B 34 -3.75 -19.17 -27.11
CA TRP B 34 -4.29 -20.07 -28.12
C TRP B 34 -4.48 -21.48 -27.55
N LEU B 35 -3.55 -21.92 -26.71
CA LEU B 35 -3.66 -23.24 -26.08
C LEU B 35 -4.73 -23.26 -25.00
N ASN B 36 -5.06 -22.12 -24.41
CA ASN B 36 -6.23 -22.05 -23.54
C ASN B 36 -7.53 -21.97 -24.33
N GLN B 37 -7.48 -21.51 -25.58
CA GLN B 37 -8.65 -21.61 -26.45
C GLN B 37 -8.91 -23.06 -26.85
N ALA B 38 -7.85 -23.77 -27.23
CA ALA B 38 -8.02 -25.14 -27.74
C ALA B 38 -8.60 -26.05 -26.68
N LEU B 39 -8.12 -25.95 -25.45
CA LEU B 39 -8.60 -26.77 -24.33
C LEU B 39 -8.46 -28.26 -24.61
N SER B 49 -13.76 -35.39 -38.42
CA SER B 49 -13.62 -34.60 -37.21
C SER B 49 -12.30 -33.86 -37.18
N ILE B 50 -11.97 -33.27 -36.03
CA ILE B 50 -10.72 -32.53 -35.83
C ILE B 50 -9.98 -33.15 -34.65
N GLU B 51 -8.73 -33.54 -34.88
CA GLU B 51 -7.96 -34.30 -33.91
C GLU B 51 -6.85 -33.51 -33.24
N ASN B 52 -6.15 -32.65 -33.99
CA ASN B 52 -5.06 -31.83 -33.45
C ASN B 52 -5.24 -30.38 -33.89
N PRO B 53 -6.33 -29.73 -33.47
CA PRO B 53 -6.66 -28.42 -34.07
C PRO B 53 -5.69 -27.32 -33.69
N HIS B 54 -5.20 -27.32 -32.44
CA HIS B 54 -4.32 -26.25 -31.98
C HIS B 54 -3.04 -26.20 -32.81
N LEU B 55 -2.47 -27.38 -33.13
CA LEU B 55 -1.24 -27.40 -33.92
C LEU B 55 -1.49 -26.93 -35.35
N LEU B 56 -2.64 -27.27 -35.91
CA LEU B 56 -3.01 -26.76 -37.24
C LEU B 56 -3.10 -25.25 -37.23
N THR B 57 -3.78 -24.68 -36.23
CA THR B 57 -3.89 -23.23 -36.14
C THR B 57 -2.53 -22.59 -35.95
N LEU B 58 -1.68 -23.20 -35.12
CA LEU B 58 -0.34 -22.67 -34.90
C LEU B 58 0.48 -22.69 -36.18
N PHE B 59 0.36 -23.75 -36.98
CA PHE B 59 1.06 -23.82 -38.25
C PHE B 59 0.57 -22.74 -39.20
N HIS B 60 -0.75 -22.58 -39.32
CA HIS B 60 -1.30 -21.53 -40.18
C HIS B 60 -0.82 -20.15 -39.76
N ARG B 61 -0.79 -19.89 -38.45
CA ARG B 61 -0.40 -18.57 -37.98
C ARG B 61 1.10 -18.33 -38.12
N LEU B 62 1.92 -19.37 -37.94
CA LEU B 62 3.35 -19.24 -38.21
C LEU B 62 3.59 -18.95 -39.69
N CYS B 63 2.84 -19.61 -40.58
CA CYS B 63 2.93 -19.30 -42.00
C CYS B 63 2.54 -17.85 -42.28
N LYS B 64 1.46 -17.38 -41.66
CA LYS B 64 1.05 -15.98 -41.85
C LYS B 64 2.12 -15.02 -41.36
N LEU B 65 2.77 -15.34 -40.23
CA LEU B 65 3.81 -14.47 -39.69
C LEU B 65 5.03 -14.42 -40.61
N LEU B 66 5.48 -15.59 -41.07
CA LEU B 66 6.66 -15.61 -41.94
C LEU B 66 6.37 -15.02 -43.31
N PHE B 67 5.12 -15.12 -43.78
CA PHE B 67 4.75 -14.55 -45.07
C PHE B 67 4.99 -13.04 -45.08
N PHE B 68 4.56 -12.35 -44.03
CA PHE B 68 4.75 -10.91 -43.90
C PHE B 68 6.12 -10.55 -43.38
N ARG B 69 7.07 -11.49 -43.43
CA ARG B 69 8.48 -11.25 -43.06
C ARG B 69 8.59 -10.69 -41.65
N ILE B 70 7.75 -11.19 -40.76
CA ILE B 70 7.87 -10.88 -39.33
C ILE B 70 8.92 -11.81 -38.74
N ARG B 71 9.65 -11.30 -37.74
CA ARG B 71 10.63 -12.09 -37.00
C ARG B 71 10.09 -12.36 -35.61
N PRO B 72 9.27 -13.41 -35.42
CA PRO B 72 8.55 -13.57 -34.16
C PRO B 72 9.42 -14.21 -33.09
N ILE B 73 9.20 -13.76 -31.85
CA ILE B 73 9.67 -14.45 -30.66
C ILE B 73 8.44 -14.93 -29.90
N PHE B 74 8.37 -16.24 -29.66
CA PHE B 74 7.22 -16.82 -28.98
C PHE B 74 7.52 -16.96 -27.50
N VAL B 75 6.52 -16.68 -26.67
CA VAL B 75 6.66 -16.71 -25.22
C VAL B 75 5.62 -17.65 -24.65
N PHE B 76 6.06 -18.58 -23.79
CA PHE B 76 5.19 -19.58 -23.21
C PHE B 76 4.92 -19.26 -21.75
N ASP B 77 3.66 -19.42 -21.33
CA ASP B 77 3.29 -19.21 -19.93
C ASP B 77 4.06 -20.15 -19.02
N GLY B 78 4.47 -19.65 -17.86
CA GLY B 78 5.03 -20.48 -16.83
C GLY B 78 3.97 -21.04 -15.91
N ASP B 79 4.07 -20.72 -14.61
CA ASP B 79 3.09 -21.09 -13.62
C ASP B 79 2.38 -19.83 -13.12
N ALA B 80 1.05 -19.84 -13.20
CA ALA B 80 0.27 -18.64 -12.91
C ALA B 80 0.37 -18.28 -11.43
N PRO B 81 0.36 -16.98 -11.11
CA PRO B 81 0.63 -16.56 -9.73
C PRO B 81 -0.57 -16.78 -8.81
N LEU B 82 -0.34 -16.51 -7.53
CA LEU B 82 -1.33 -16.80 -6.49
C LEU B 82 -2.65 -16.07 -6.74
N LEU B 83 -2.59 -14.79 -7.09
CA LEU B 83 -3.82 -14.04 -7.28
C LEU B 83 -4.58 -14.44 -8.54
N LYS B 84 -3.88 -15.01 -9.53
CA LYS B 84 -4.58 -15.58 -10.67
C LYS B 84 -5.26 -16.87 -10.26
N LYS B 85 -4.60 -17.68 -9.43
CA LYS B 85 -5.21 -18.92 -8.99
C LYS B 85 -6.47 -18.62 -8.19
N GLN B 86 -6.39 -17.69 -7.24
CA GLN B 86 -7.54 -17.37 -6.40
C GLN B 86 -8.69 -16.80 -7.25
N THR B 87 -8.38 -15.86 -8.14
CA THR B 87 -9.44 -15.26 -8.95
C THR B 87 -10.08 -16.28 -9.88
N LEU B 88 -9.27 -17.16 -10.48
CA LEU B 88 -9.81 -18.24 -11.31
C LEU B 88 -10.68 -19.17 -10.48
N VAL B 89 -10.27 -19.48 -9.25
CA VAL B 89 -11.05 -20.37 -8.40
C VAL B 89 -12.42 -19.76 -8.12
N LYS B 90 -12.45 -18.47 -7.77
CA LYS B 90 -13.74 -17.86 -7.47
C LYS B 90 -14.59 -17.70 -8.72
N ARG B 91 -13.98 -17.39 -9.86
CA ARG B 91 -14.74 -17.28 -11.11
C ARG B 91 -15.29 -18.63 -11.56
N ARG B 92 -14.61 -19.73 -11.20
CA ARG B 92 -15.10 -21.05 -11.52
C ARG B 92 -16.12 -21.55 -10.51
N GLN B 93 -16.09 -21.01 -9.28
CA GLN B 93 -17.14 -21.31 -8.33
C GLN B 93 -18.43 -20.55 -8.63
N ARG B 94 -18.32 -19.34 -9.18
CA ARG B 94 -19.51 -18.57 -9.53
C ARG B 94 -20.18 -19.12 -10.77
N LYS B 95 -19.42 -19.70 -11.69
CA LYS B 95 -19.98 -20.27 -12.91
C LYS B 95 -20.65 -21.61 -12.67
N ASP B 96 -20.34 -22.29 -11.57
CA ASP B 96 -20.98 -23.54 -11.18
C ASP B 96 -21.90 -23.27 -9.99
N LEU B 97 -23.19 -23.09 -10.27
CA LEU B 97 -24.16 -22.75 -9.24
C LEU B 97 -25.33 -23.72 -9.26
N GLN B 118 -12.08 -33.53 -6.52
CA GLN B 118 -12.14 -34.47 -7.63
C GLN B 118 -11.50 -33.90 -8.88
N LYS B 119 -11.67 -32.59 -9.10
CA LYS B 119 -11.08 -31.92 -10.27
C LYS B 119 -9.55 -31.94 -10.25
N GLN B 120 -8.93 -32.35 -9.14
CA GLN B 120 -7.48 -32.45 -9.10
C GLN B 120 -6.97 -33.52 -10.03
N GLN B 121 -7.75 -34.56 -10.29
CA GLN B 121 -7.34 -35.56 -11.28
C GLN B 121 -7.45 -35.02 -12.70
N GLN B 122 -8.45 -34.18 -12.96
CA GLN B 122 -8.52 -33.56 -14.29
C GLN B 122 -7.44 -32.50 -14.46
N GLU B 123 -6.90 -31.97 -13.37
CA GLU B 123 -5.69 -31.15 -13.44
C GLU B 123 -4.48 -32.03 -13.69
N ARG B 124 -4.44 -33.20 -13.05
CA ARG B 124 -3.34 -34.14 -13.25
C ARG B 124 -3.23 -34.53 -14.72
N ILE B 125 -4.36 -34.83 -15.36
CA ILE B 125 -4.31 -35.25 -16.76
C ILE B 125 -4.06 -34.05 -17.67
N ALA B 126 -4.63 -32.87 -17.33
CA ALA B 126 -4.37 -31.68 -18.13
C ALA B 126 -2.90 -31.30 -18.09
N ALA B 127 -2.21 -31.62 -17.00
CA ALA B 127 -0.77 -31.38 -16.93
C ALA B 127 -0.04 -32.09 -18.06
N THR B 128 -0.28 -33.39 -18.22
CA THR B 128 0.42 -34.15 -19.26
C THR B 128 -0.05 -33.73 -20.66
N VAL B 129 -1.34 -33.42 -20.80
CA VAL B 129 -1.84 -32.98 -22.10
C VAL B 129 -1.16 -31.68 -22.52
N THR B 130 -1.06 -30.73 -21.60
CA THR B 130 -0.41 -29.46 -21.90
C THR B 130 1.10 -29.63 -22.09
N GLY B 131 1.72 -30.55 -21.36
CA GLY B 131 3.12 -30.86 -21.63
C GLY B 131 3.34 -31.36 -23.05
N GLN B 132 2.48 -32.27 -23.49
CA GLN B 132 2.48 -32.73 -24.88
C GLN B 132 2.39 -31.54 -25.83
N MET B 133 1.30 -30.77 -25.71
CA MET B 133 1.10 -29.62 -26.59
C MET B 133 2.31 -28.70 -26.63
N PHE B 134 2.85 -28.36 -25.44
CA PHE B 134 4.04 -27.52 -25.35
C PHE B 134 5.21 -28.11 -26.13
N LEU B 135 5.50 -29.39 -25.91
CA LEU B 135 6.67 -29.99 -26.56
C LEU B 135 6.50 -30.04 -28.06
N GLU B 136 5.29 -30.36 -28.53
CA GLU B 136 5.03 -30.41 -29.96
C GLU B 136 5.17 -29.04 -30.60
N SER B 137 4.59 -28.01 -29.97
CA SER B 137 4.71 -26.66 -30.51
C SER B 137 6.16 -26.19 -30.50
N GLN B 138 6.91 -26.52 -29.45
CA GLN B 138 8.30 -26.11 -29.37
C GLN B 138 9.14 -26.79 -30.44
N GLU B 139 8.87 -28.09 -30.69
CA GLU B 139 9.50 -28.76 -31.82
C GLU B 139 9.19 -28.05 -33.12
N LEU B 140 7.90 -27.82 -33.40
CA LEU B 140 7.50 -27.14 -34.64
C LEU B 140 8.21 -25.80 -34.80
N LEU B 141 8.41 -25.09 -33.68
CA LEU B 141 9.13 -23.82 -33.73
C LEU B 141 10.60 -24.03 -34.08
N ARG B 142 11.25 -25.00 -33.43
CA ARG B 142 12.63 -25.32 -33.80
C ARG B 142 12.73 -25.63 -35.29
N LEU B 143 11.74 -26.34 -35.83
CA LEU B 143 11.75 -26.67 -37.25
C LEU B 143 11.67 -25.40 -38.10
N PHE B 144 10.64 -24.58 -37.86
CA PHE B 144 10.49 -23.32 -38.59
C PHE B 144 11.63 -22.34 -38.29
N GLY B 145 12.52 -22.67 -37.36
CA GLY B 145 13.63 -21.79 -37.06
C GLY B 145 13.27 -20.61 -36.19
N ILE B 146 12.15 -20.69 -35.48
CA ILE B 146 11.67 -19.59 -34.64
C ILE B 146 12.18 -19.79 -33.22
N PRO B 147 12.71 -18.75 -32.57
CA PRO B 147 13.09 -18.88 -31.16
C PRO B 147 11.89 -18.72 -30.24
N TYR B 148 11.98 -19.38 -29.09
CA TYR B 148 10.93 -19.34 -28.09
C TYR B 148 11.57 -19.22 -26.70
N ILE B 149 10.79 -18.67 -25.78
CA ILE B 149 11.24 -18.44 -24.40
C ILE B 149 10.17 -18.90 -23.45
N GLN B 150 10.56 -19.73 -22.47
CA GLN B 150 9.68 -20.13 -21.39
C GLN B 150 9.66 -19.03 -20.33
N ALA B 151 8.51 -18.41 -20.13
CA ALA B 151 8.42 -17.31 -19.19
C ALA B 151 8.53 -17.84 -17.76
N PRO B 152 9.06 -17.03 -16.84
CA PRO B 152 9.15 -17.49 -15.44
C PRO B 152 7.79 -17.75 -14.82
N MET B 153 6.85 -16.82 -14.99
CA MET B 153 5.48 -17.01 -14.53
C MET B 153 4.50 -16.64 -15.62
N GLU B 154 4.34 -15.35 -15.90
CA GLU B 154 3.38 -14.88 -16.88
C GLU B 154 4.08 -14.55 -18.19
N ALA B 155 3.38 -14.81 -19.30
CA ALA B 155 3.93 -14.54 -20.62
C ALA B 155 3.77 -13.08 -21.04
N GLU B 156 2.68 -12.42 -20.62
CA GLU B 156 2.47 -11.04 -21.04
C GLU B 156 3.45 -10.10 -20.37
N ALA B 157 3.78 -10.34 -19.10
CA ALA B 157 4.82 -9.55 -18.45
C ALA B 157 6.17 -9.79 -19.11
N GLN B 158 6.42 -11.03 -19.54
CA GLN B 158 7.69 -11.34 -20.20
C GLN B 158 7.76 -10.71 -21.59
N CYS B 159 6.61 -10.51 -22.23
CA CYS B 159 6.59 -9.75 -23.48
C CYS B 159 6.80 -8.27 -23.21
N ALA B 160 6.22 -7.77 -22.13
CA ALA B 160 6.33 -6.34 -21.81
C ALA B 160 7.76 -5.97 -21.46
N ILE B 161 8.47 -6.83 -20.73
CA ILE B 161 9.84 -6.53 -20.39
C ILE B 161 10.72 -6.53 -21.64
N LEU B 162 10.37 -7.35 -22.64
CA LEU B 162 11.07 -7.28 -23.93
C LEU B 162 10.77 -5.97 -24.64
N ASP B 163 9.51 -5.54 -24.62
CA ASP B 163 9.15 -4.26 -25.21
C ASP B 163 9.92 -3.11 -24.55
N LEU B 164 10.05 -3.15 -23.23
CA LEU B 164 10.73 -2.07 -22.52
C LEU B 164 12.22 -2.03 -22.84
N THR B 165 12.89 -3.17 -22.74
CA THR B 165 14.32 -3.25 -23.03
C THR B 165 14.65 -3.09 -24.52
N ASP B 166 13.64 -2.78 -25.35
CA ASP B 166 13.83 -2.47 -26.76
C ASP B 166 14.51 -3.60 -27.52
N GLN B 167 14.34 -4.84 -27.04
CA GLN B 167 14.79 -6.00 -27.80
C GLN B 167 13.82 -6.35 -28.91
N THR B 168 12.59 -5.83 -28.85
CA THR B 168 11.56 -6.10 -29.84
C THR B 168 10.95 -4.77 -30.30
N SER B 169 10.25 -4.82 -31.43
CA SER B 169 9.54 -3.66 -31.93
C SER B 169 8.10 -3.58 -31.46
N GLY B 170 7.68 -4.50 -30.60
CA GLY B 170 6.32 -4.49 -30.09
C GLY B 170 5.94 -5.87 -29.58
N THR B 171 4.63 -6.14 -29.61
CA THR B 171 4.09 -7.42 -29.17
C THR B 171 2.74 -7.62 -29.84
N ILE B 172 2.48 -8.84 -30.29
CA ILE B 172 1.23 -9.20 -30.96
C ILE B 172 0.43 -10.02 -29.94
N THR B 173 -0.59 -9.39 -29.37
CA THR B 173 -1.44 -10.06 -28.40
C THR B 173 -2.79 -9.34 -28.35
N ASP B 174 -3.78 -10.02 -27.78
CA ASP B 174 -5.09 -9.44 -27.55
C ASP B 174 -5.40 -9.25 -26.07
N ASP B 175 -4.44 -9.52 -25.19
CA ASP B 175 -4.63 -9.41 -23.75
C ASP B 175 -4.23 -8.00 -23.31
N SER B 176 -5.21 -7.23 -22.83
CA SER B 176 -4.94 -5.86 -22.40
C SER B 176 -4.04 -5.79 -21.17
N ALA B 177 -3.95 -6.87 -20.39
CA ALA B 177 -3.17 -6.85 -19.16
C ALA B 177 -1.71 -6.56 -19.40
N ILE B 178 -1.21 -6.77 -20.63
CA ILE B 178 0.18 -6.45 -20.93
C ILE B 178 0.46 -4.97 -20.68
N TRP B 179 -0.54 -4.11 -20.91
CA TRP B 179 -0.38 -2.69 -20.62
C TRP B 179 -0.05 -2.46 -19.15
N LEU B 180 -0.65 -3.26 -18.27
CA LEU B 180 -0.38 -3.14 -16.84
C LEU B 180 1.04 -3.57 -16.49
N PHE B 181 1.67 -4.38 -17.32
CA PHE B 181 3.04 -4.83 -17.07
C PHE B 181 4.09 -3.93 -17.69
N GLY B 182 3.69 -2.78 -18.23
CA GLY B 182 4.64 -1.85 -18.80
C GLY B 182 4.81 -1.95 -20.29
N ALA B 183 3.84 -2.49 -21.02
CA ALA B 183 3.95 -2.56 -22.47
C ALA B 183 3.99 -1.17 -23.08
N ARG B 184 4.64 -1.07 -24.23
CA ARG B 184 4.74 0.18 -24.96
C ARG B 184 4.17 0.13 -26.35
N HIS B 185 4.27 -1.01 -27.05
CA HIS B 185 3.73 -1.14 -28.40
C HIS B 185 3.01 -2.47 -28.51
N VAL B 186 1.78 -2.45 -29.02
CA VAL B 186 0.98 -3.66 -29.14
C VAL B 186 0.29 -3.69 -30.50
N TYR B 187 0.29 -4.86 -31.13
CA TYR B 187 -0.49 -5.11 -32.33
C TYR B 187 -1.63 -6.05 -31.98
N ARG B 188 -2.86 -5.57 -32.16
CA ARG B 188 -4.06 -6.29 -31.76
C ARG B 188 -4.89 -6.65 -33.00
N ASN B 189 -5.62 -7.76 -32.89
CA ASN B 189 -6.51 -8.25 -33.95
C ASN B 189 -5.71 -8.60 -35.21
N PHE B 190 -4.54 -9.21 -35.01
CA PHE B 190 -3.71 -9.61 -36.13
C PHE B 190 -4.21 -10.89 -36.79
N PHE B 191 -4.78 -11.82 -36.02
CA PHE B 191 -5.30 -13.07 -36.55
C PHE B 191 -6.82 -13.10 -36.59
N ASN B 192 -7.47 -11.95 -36.47
CA ASN B 192 -8.92 -11.86 -36.50
C ASN B 192 -9.42 -11.70 -37.93
N LYS B 193 -10.68 -12.10 -38.14
CA LYS B 193 -11.27 -12.09 -39.47
C LYS B 193 -12.23 -10.93 -39.71
N ASN B 194 -12.93 -10.47 -38.67
CA ASN B 194 -13.91 -9.41 -38.85
C ASN B 194 -13.31 -8.02 -38.71
N LYS B 195 -12.43 -7.81 -37.74
CA LYS B 195 -11.87 -6.49 -37.49
C LYS B 195 -10.52 -6.34 -38.19
N PHE B 196 -10.03 -5.09 -38.22
CA PHE B 196 -8.75 -4.78 -38.81
C PHE B 196 -7.62 -4.96 -37.79
N VAL B 197 -6.39 -4.88 -38.27
CA VAL B 197 -5.20 -5.01 -37.42
C VAL B 197 -4.89 -3.65 -36.82
N GLU B 198 -5.17 -3.50 -35.53
CA GLU B 198 -4.96 -2.22 -34.86
C GLU B 198 -3.58 -2.18 -34.20
N TYR B 199 -3.02 -0.97 -34.11
CA TYR B 199 -1.71 -0.74 -33.53
C TYR B 199 -1.86 0.30 -32.45
N TYR B 200 -1.47 -0.06 -31.22
CA TYR B 200 -1.59 0.81 -30.05
C TYR B 200 -0.20 1.16 -29.52
N GLN B 201 0.03 2.46 -29.35
CA GLN B 201 1.26 3.00 -28.77
C GLN B 201 0.95 3.61 -27.41
N TYR B 202 1.81 3.35 -26.43
CA TYR B 202 1.58 3.86 -25.07
C TYR B 202 1.55 5.38 -25.05
N VAL B 203 2.54 6.01 -25.67
CA VAL B 203 2.65 7.48 -25.65
C VAL B 203 1.37 8.13 -26.18
N ASP B 204 0.75 7.52 -27.19
CA ASP B 204 -0.42 8.15 -27.82
C ASP B 204 -1.60 8.21 -26.86
N PHE B 205 -2.01 7.07 -26.27
CA PHE B 205 -3.13 7.13 -25.34
C PHE B 205 -2.74 7.75 -24.00
N HIS B 206 -1.45 7.87 -23.71
CA HIS B 206 -1.05 8.60 -22.51
C HIS B 206 -1.24 10.09 -22.70
N ASN B 207 -0.78 10.64 -23.83
CA ASN B 207 -1.00 12.05 -24.12
C ASN B 207 -2.47 12.36 -24.40
N GLN B 208 -3.24 11.37 -24.87
CA GLN B 208 -4.65 11.61 -25.17
C GLN B 208 -5.51 11.53 -23.91
N LEU B 209 -5.48 10.38 -23.23
CA LEU B 209 -6.41 10.11 -22.13
C LEU B 209 -5.79 10.28 -20.76
N GLY B 210 -4.48 10.54 -20.68
CA GLY B 210 -3.85 10.75 -19.39
C GLY B 210 -3.80 9.51 -18.53
N LEU B 211 -3.39 8.38 -19.11
CA LEU B 211 -3.33 7.10 -18.40
C LEU B 211 -1.87 6.64 -18.35
N ASP B 212 -1.29 6.68 -17.15
CA ASP B 212 0.03 6.10 -16.94
C ASP B 212 -0.14 4.63 -16.53
N ARG B 213 0.93 4.01 -16.04
CA ARG B 213 0.84 2.62 -15.61
C ARG B 213 -0.04 2.48 -14.37
N ASN B 214 0.21 3.32 -13.35
CA ASN B 214 -0.50 3.19 -12.09
C ASN B 214 -2.00 3.43 -12.25
N LYS B 215 -2.37 4.39 -13.11
CA LYS B 215 -3.78 4.61 -13.41
C LYS B 215 -4.41 3.36 -14.01
N LEU B 216 -3.66 2.65 -14.87
CA LEU B 216 -4.18 1.42 -15.45
C LEU B 216 -4.28 0.31 -14.40
N ILE B 217 -3.37 0.29 -13.42
CA ILE B 217 -3.50 -0.67 -12.32
C ILE B 217 -4.77 -0.40 -11.53
N ASN B 218 -5.05 0.87 -11.25
CA ASN B 218 -6.29 1.23 -10.57
C ASN B 218 -7.51 0.87 -11.41
N LEU B 219 -7.40 1.06 -12.73
CA LEU B 219 -8.47 0.65 -13.64
C LEU B 219 -8.69 -0.86 -13.58
N ALA B 220 -7.62 -1.63 -13.39
CA ALA B 220 -7.78 -3.07 -13.18
C ALA B 220 -8.50 -3.36 -11.88
N TYR B 221 -8.12 -2.67 -10.80
CA TYR B 221 -8.84 -2.81 -9.54
C TYR B 221 -10.33 -2.56 -9.71
N LEU B 222 -10.69 -1.53 -10.48
CA LEU B 222 -12.11 -1.16 -10.59
C LEU B 222 -12.86 -2.06 -11.57
N LEU B 223 -12.23 -2.45 -12.68
CA LEU B 223 -12.93 -3.18 -13.73
C LEU B 223 -12.78 -4.69 -13.62
N GLY B 224 -11.73 -5.18 -12.95
CA GLY B 224 -11.55 -6.61 -12.78
C GLY B 224 -10.69 -7.24 -13.85
N SER B 225 -9.89 -8.22 -13.44
CA SER B 225 -8.98 -8.92 -14.34
C SER B 225 -8.75 -10.33 -13.79
N ASP B 226 -7.72 -11.00 -14.32
CA ASP B 226 -7.33 -12.30 -13.79
C ASP B 226 -6.78 -12.22 -12.36
N TYR B 227 -6.47 -11.01 -11.87
CA TYR B 227 -5.94 -10.86 -10.52
C TYR B 227 -6.97 -10.41 -9.49
N THR B 228 -8.12 -9.89 -9.93
CA THR B 228 -9.12 -9.37 -9.01
C THR B 228 -10.43 -9.19 -9.74
N GLU B 229 -11.50 -9.05 -8.97
CA GLU B 229 -12.83 -8.79 -9.49
C GLU B 229 -13.28 -7.39 -9.07
N GLY B 230 -13.75 -6.61 -10.04
CA GLY B 230 -14.09 -5.22 -9.82
C GLY B 230 -15.49 -5.02 -9.26
N ILE B 231 -15.81 -3.75 -9.02
CA ILE B 231 -17.10 -3.40 -8.44
C ILE B 231 -18.19 -3.62 -9.47
N PRO B 232 -19.35 -4.19 -9.09
CA PRO B 232 -20.29 -4.69 -10.12
C PRO B 232 -20.77 -3.63 -11.09
N THR B 233 -21.28 -2.50 -10.59
CA THR B 233 -21.96 -1.53 -11.44
C THR B 233 -21.02 -0.83 -12.42
N VAL B 234 -19.72 -0.80 -12.13
CA VAL B 234 -18.84 0.16 -12.78
C VAL B 234 -18.40 -0.37 -14.15
N GLY B 235 -18.28 0.55 -15.11
CA GLY B 235 -17.62 0.29 -16.37
C GLY B 235 -16.51 1.28 -16.60
N CYS B 236 -16.03 1.40 -17.85
CA CYS B 236 -14.90 2.26 -18.14
C CYS B 236 -15.18 3.71 -17.73
N VAL B 237 -16.38 4.21 -18.05
CA VAL B 237 -16.70 5.62 -17.79
C VAL B 237 -16.79 5.88 -16.29
N THR B 238 -17.50 5.03 -15.56
CA THR B 238 -17.59 5.17 -14.12
C THR B 238 -16.22 5.03 -13.46
N ALA B 239 -15.36 4.16 -14.01
CA ALA B 239 -14.00 4.02 -13.49
C ALA B 239 -13.20 5.30 -13.68
N MET B 240 -13.28 5.92 -14.87
CA MET B 240 -12.61 7.18 -15.08
C MET B 240 -13.19 8.28 -14.20
N GLU B 241 -14.50 8.25 -13.95
CA GLU B 241 -15.10 9.20 -13.02
C GLU B 241 -14.51 9.04 -11.62
N ILE B 242 -14.35 7.79 -11.18
CA ILE B 242 -13.72 7.54 -9.88
C ILE B 242 -12.30 8.07 -9.85
N LEU B 243 -11.50 7.72 -10.87
CA LEU B 243 -10.10 8.14 -10.89
C LEU B 243 -9.96 9.65 -10.96
N ASN B 244 -10.90 10.34 -11.61
CA ASN B 244 -10.83 11.79 -11.71
C ASN B 244 -11.36 12.48 -10.45
N GLU B 245 -12.28 11.85 -9.73
CA GLU B 245 -12.88 12.44 -8.55
C GLU B 245 -12.00 12.30 -7.31
N PHE B 246 -11.09 11.33 -7.29
CA PHE B 246 -10.20 11.08 -6.16
C PHE B 246 -8.75 11.12 -6.63
N PRO B 247 -8.24 12.31 -6.97
CA PRO B 247 -6.88 12.39 -7.54
C PRO B 247 -5.82 12.01 -6.52
N GLY B 248 -4.70 11.53 -7.04
CA GLY B 248 -3.60 11.09 -6.22
C GLY B 248 -2.63 10.25 -7.03
N HIS B 249 -1.59 9.79 -6.32
CA HIS B 249 -0.55 8.97 -6.92
C HIS B 249 -0.67 7.52 -6.43
N GLY B 250 -0.07 6.61 -7.20
CA GLY B 250 -0.05 5.21 -6.83
C GLY B 250 -1.41 4.62 -6.50
N LEU B 251 -1.55 4.13 -5.27
CA LEU B 251 -2.78 3.53 -4.79
C LEU B 251 -3.69 4.52 -4.08
N GLU B 252 -3.26 5.78 -3.92
CA GLU B 252 -4.05 6.79 -3.21
C GLU B 252 -5.48 6.91 -3.71
N PRO B 253 -5.76 7.01 -5.01
CA PRO B 253 -7.17 7.17 -5.43
C PRO B 253 -8.09 6.06 -4.91
N LEU B 254 -7.63 4.81 -4.96
CA LEU B 254 -8.43 3.71 -4.44
C LEU B 254 -8.59 3.78 -2.93
N LEU B 255 -7.52 4.15 -2.22
CA LEU B 255 -7.63 4.31 -0.77
C LEU B 255 -8.66 5.38 -0.41
N LYS B 256 -8.62 6.51 -1.10
CA LYS B 256 -9.55 7.60 -0.80
C LYS B 256 -10.98 7.22 -1.16
N PHE B 257 -11.17 6.56 -2.31
CA PHE B 257 -12.51 6.14 -2.70
C PHE B 257 -13.07 5.11 -1.73
N SER B 258 -12.24 4.16 -1.30
CA SER B 258 -12.68 3.17 -0.32
C SER B 258 -13.02 3.82 1.02
N GLU B 259 -12.21 4.78 1.46
CA GLU B 259 -12.51 5.47 2.71
C GLU B 259 -13.82 6.23 2.61
N TRP B 260 -13.98 7.03 1.54
CA TRP B 260 -15.19 7.81 1.34
C TRP B 260 -16.42 6.92 1.29
N TRP B 261 -16.32 5.75 0.64
CA TRP B 261 -17.49 4.90 0.49
C TRP B 261 -17.79 4.15 1.78
N HIS B 262 -16.77 3.54 2.40
CA HIS B 262 -16.97 2.83 3.65
C HIS B 262 -17.50 3.74 4.76
N GLU B 263 -17.17 5.04 4.70
CA GLU B 263 -17.75 5.96 5.66
C GLU B 263 -19.15 6.41 5.24
N ALA B 264 -19.34 6.74 3.96
CA ALA B 264 -20.60 7.24 3.46
C ALA B 264 -21.66 6.16 3.28
N GLN B 265 -21.33 4.90 3.59
CA GLN B 265 -22.31 3.83 3.61
C GLN B 265 -22.95 3.66 4.99
N LYS B 266 -22.78 4.63 5.87
CA LYS B 266 -23.41 4.62 7.19
C LYS B 266 -24.76 5.34 7.11
N ASN B 267 -25.30 5.73 8.27
CA ASN B 267 -26.58 6.40 8.33
C ASN B 267 -26.73 7.61 7.40
N PRO B 268 -25.68 8.45 7.17
CA PRO B 268 -25.82 9.56 6.21
C PRO B 268 -26.51 9.20 4.91
N LYS B 269 -27.57 9.93 4.57
CA LYS B 269 -28.36 9.68 3.38
C LYS B 269 -28.63 10.97 2.61
N ASP B 276 -23.81 15.90 -2.73
CA ASP B 276 -22.49 16.33 -3.20
C ASP B 276 -22.48 16.54 -4.71
N THR B 277 -21.69 15.74 -5.40
CA THR B 277 -21.65 15.74 -6.86
C THR B 277 -22.48 14.60 -7.42
N LYS B 278 -22.78 14.69 -8.72
CA LYS B 278 -23.54 13.63 -9.37
C LYS B 278 -22.76 12.32 -9.39
N VAL B 279 -21.45 12.39 -9.60
CA VAL B 279 -20.63 11.18 -9.59
C VAL B 279 -20.68 10.51 -8.22
N LYS B 280 -20.71 11.30 -7.15
CA LYS B 280 -20.75 10.71 -5.81
C LYS B 280 -22.13 10.14 -5.51
N LYS B 281 -23.19 10.84 -5.92
CA LYS B 281 -24.53 10.28 -5.82
C LYS B 281 -24.62 8.93 -6.51
N LYS B 282 -24.02 8.82 -7.70
CA LYS B 282 -24.02 7.56 -8.42
C LYS B 282 -23.15 6.51 -7.73
N LEU B 283 -22.03 6.95 -7.14
CA LEU B 283 -21.06 6.03 -6.55
C LEU B 283 -21.49 5.50 -5.17
N ARG B 284 -22.40 6.19 -4.49
CA ARG B 284 -22.78 5.78 -3.15
C ARG B 284 -23.57 4.47 -3.13
N THR B 285 -24.15 4.08 -4.27
CA THR B 285 -25.01 2.89 -4.28
C THR B 285 -24.20 1.60 -4.43
N LEU B 286 -23.20 1.60 -5.32
CA LEU B 286 -22.46 0.39 -5.62
C LEU B 286 -21.72 -0.13 -4.38
N GLN B 287 -21.43 -1.43 -4.40
CA GLN B 287 -20.92 -2.15 -3.24
C GLN B 287 -19.49 -2.61 -3.46
N LEU B 288 -18.66 -2.42 -2.45
CA LEU B 288 -17.25 -2.80 -2.48
C LEU B 288 -17.00 -4.03 -1.62
N THR B 289 -16.01 -4.83 -2.05
CA THR B 289 -15.61 -6.00 -1.28
C THR B 289 -15.00 -5.56 0.06
N PRO B 290 -15.04 -6.42 1.08
CA PRO B 290 -14.62 -5.99 2.42
C PRO B 290 -13.14 -5.63 2.51
N GLY B 291 -12.29 -6.21 1.68
CA GLY B 291 -10.86 -5.95 1.77
C GLY B 291 -10.34 -4.97 0.73
N PHE B 292 -11.22 -4.13 0.20
CA PHE B 292 -10.84 -3.21 -0.86
C PHE B 292 -9.98 -2.09 -0.28
N PRO B 293 -8.83 -1.78 -0.89
CA PRO B 293 -8.20 -2.56 -1.96
C PRO B 293 -7.07 -3.43 -1.42
N ASN B 294 -6.70 -4.48 -2.15
CA ASN B 294 -5.59 -5.32 -1.73
C ASN B 294 -4.32 -4.87 -2.43
N PRO B 295 -3.33 -4.35 -1.69
CA PRO B 295 -2.08 -3.91 -2.34
C PRO B 295 -1.32 -5.01 -3.06
N ALA B 296 -1.66 -6.28 -2.82
CA ALA B 296 -0.95 -7.37 -3.48
C ALA B 296 -1.21 -7.38 -4.98
N VAL B 297 -2.40 -6.98 -5.42
CA VAL B 297 -2.68 -6.90 -6.85
C VAL B 297 -1.77 -5.89 -7.53
N ALA B 298 -1.67 -4.69 -6.94
CA ALA B 298 -0.79 -3.66 -7.50
C ALA B 298 0.66 -4.09 -7.44
N GLU B 299 1.08 -4.76 -6.36
CA GLU B 299 2.44 -5.25 -6.27
C GLU B 299 2.73 -6.28 -7.36
N ALA B 300 1.76 -7.15 -7.65
CA ALA B 300 1.94 -8.14 -8.70
C ALA B 300 2.05 -7.48 -10.06
N TYR B 301 1.20 -6.49 -10.34
CA TYR B 301 1.27 -5.82 -11.65
C TYR B 301 2.52 -4.98 -11.80
N LEU B 302 3.02 -4.40 -10.70
CA LEU B 302 4.18 -3.52 -10.80
C LEU B 302 5.49 -4.29 -10.84
N LYS B 303 5.65 -5.27 -9.94
CA LYS B 303 6.86 -6.08 -9.83
C LYS B 303 6.51 -7.54 -10.10
N PRO B 304 6.34 -7.92 -11.35
CA PRO B 304 6.12 -9.33 -11.69
C PRO B 304 7.46 -10.07 -11.84
N VAL B 305 7.35 -11.38 -12.03
CA VAL B 305 8.52 -12.22 -12.22
C VAL B 305 8.75 -12.39 -13.72
N VAL B 306 9.90 -11.93 -14.20
CA VAL B 306 10.24 -11.97 -15.62
C VAL B 306 11.72 -12.33 -15.74
N ASP B 307 12.12 -12.67 -16.97
CA ASP B 307 13.52 -12.89 -17.30
C ASP B 307 14.08 -11.60 -17.88
N ASP B 308 14.73 -10.80 -17.04
CA ASP B 308 15.26 -9.50 -17.44
C ASP B 308 16.52 -9.60 -18.30
N SER B 309 16.98 -10.80 -18.66
CA SER B 309 18.19 -10.91 -19.46
C SER B 309 17.97 -10.30 -20.84
N LYS B 310 19.05 -9.78 -21.42
CA LYS B 310 19.04 -9.26 -22.77
C LYS B 310 19.79 -10.23 -23.68
N GLY B 311 19.10 -10.76 -24.66
CA GLY B 311 19.67 -11.79 -25.52
C GLY B 311 19.60 -11.40 -26.98
N SER B 312 20.64 -11.78 -27.73
CA SER B 312 20.66 -11.58 -29.17
C SER B 312 19.91 -12.73 -29.83
N PHE B 313 18.73 -12.45 -30.36
CA PHE B 313 17.92 -13.47 -31.00
C PHE B 313 18.39 -13.71 -32.42
N LEU B 314 18.09 -14.91 -32.93
CA LEU B 314 18.45 -15.27 -34.29
C LEU B 314 17.40 -16.21 -34.86
N TRP B 315 17.09 -16.04 -36.14
CA TRP B 315 16.10 -16.85 -36.84
C TRP B 315 16.83 -17.64 -37.92
N GLY B 316 16.88 -18.96 -37.75
CA GLY B 316 17.44 -19.83 -38.76
C GLY B 316 16.48 -20.12 -39.90
N LYS B 317 16.98 -20.87 -40.88
CA LYS B 317 16.18 -21.26 -42.03
C LYS B 317 15.42 -22.55 -41.72
N PRO B 318 14.15 -22.66 -42.11
CA PRO B 318 13.40 -23.88 -41.80
C PRO B 318 13.82 -25.05 -42.68
N ASP B 319 13.89 -26.23 -42.06
CA ASP B 319 14.20 -27.46 -42.78
C ASP B 319 12.89 -28.09 -43.27
N LEU B 320 12.67 -28.01 -44.58
CA LEU B 320 11.39 -28.42 -45.15
C LEU B 320 11.11 -29.91 -44.94
N ASP B 321 12.17 -30.73 -44.91
CA ASP B 321 11.99 -32.17 -44.81
C ASP B 321 11.29 -32.57 -43.51
N LYS B 322 11.82 -32.13 -42.37
CA LYS B 322 11.17 -32.45 -41.10
C LYS B 322 9.85 -31.71 -40.94
N ILE B 323 9.69 -30.57 -41.62
CA ILE B 323 8.38 -29.90 -41.64
C ILE B 323 7.33 -30.82 -42.26
N ARG B 324 7.64 -31.39 -43.43
CA ARG B 324 6.71 -32.30 -44.09
C ARG B 324 6.48 -33.55 -43.25
N GLU B 325 7.54 -34.09 -42.64
CA GLU B 325 7.39 -35.21 -41.72
C GLU B 325 6.41 -34.89 -40.60
N PHE B 326 6.60 -33.75 -39.94
CA PHE B 326 5.72 -33.30 -38.88
C PHE B 326 4.28 -33.18 -39.38
N CYS B 327 4.09 -32.53 -40.53
CA CYS B 327 2.75 -32.31 -41.04
C CYS B 327 2.04 -33.64 -41.31
N GLN B 328 2.73 -34.59 -41.93
CA GLN B 328 2.13 -35.90 -42.15
C GLN B 328 1.78 -36.58 -40.84
N ARG B 329 2.70 -36.56 -39.87
CA ARG B 329 2.48 -37.31 -38.64
C ARG B 329 1.31 -36.74 -37.85
N TYR B 330 1.19 -35.41 -37.80
CA TYR B 330 0.23 -34.77 -36.92
C TYR B 330 -1.08 -34.40 -37.59
N PHE B 331 -1.13 -34.39 -38.93
CA PHE B 331 -2.38 -34.05 -39.63
C PHE B 331 -2.82 -35.08 -40.66
N GLY B 332 -1.96 -36.00 -41.08
CA GLY B 332 -2.32 -36.93 -42.13
C GLY B 332 -2.32 -36.29 -43.51
N TRP B 333 -1.38 -35.37 -43.76
CA TRP B 333 -1.24 -34.71 -45.05
C TRP B 333 -0.13 -35.38 -45.85
N ASN B 334 -0.19 -35.20 -47.17
CA ASN B 334 0.87 -35.68 -48.04
C ASN B 334 1.85 -34.54 -48.33
N ARG B 335 3.03 -34.93 -48.83
CA ARG B 335 4.07 -33.96 -49.11
C ARG B 335 3.61 -32.92 -50.13
N THR B 336 2.76 -33.33 -51.07
CA THR B 336 2.28 -32.40 -52.09
C THR B 336 1.43 -31.29 -51.49
N LYS B 337 0.49 -31.64 -50.60
CA LYS B 337 -0.39 -30.63 -50.03
C LYS B 337 0.38 -29.65 -49.14
N THR B 338 1.25 -30.19 -48.27
CA THR B 338 2.05 -29.32 -47.41
C THR B 338 2.95 -28.41 -48.24
N ASP B 339 3.67 -28.97 -49.22
CA ASP B 339 4.48 -28.14 -50.10
C ASP B 339 3.65 -27.16 -50.91
N GLU B 340 2.35 -27.45 -51.10
CA GLU B 340 1.46 -26.50 -51.74
C GLU B 340 1.19 -25.30 -50.85
N SER B 341 0.85 -25.56 -49.58
CA SER B 341 0.51 -24.46 -48.69
C SER B 341 1.71 -23.58 -48.36
N LEU B 342 2.92 -24.09 -48.50
CA LEU B 342 4.14 -23.31 -48.24
C LEU B 342 4.66 -22.58 -49.47
N PHE B 343 3.94 -22.65 -50.59
CA PHE B 343 4.41 -22.00 -51.82
C PHE B 343 4.62 -20.50 -51.65
N PRO B 344 3.64 -19.71 -51.19
CA PRO B 344 3.92 -18.26 -51.05
C PRO B 344 4.91 -17.96 -49.95
N VAL B 345 4.86 -18.72 -48.84
CA VAL B 345 5.83 -18.54 -47.76
C VAL B 345 7.23 -18.78 -48.28
N LEU B 346 7.44 -19.91 -48.97
CA LEU B 346 8.76 -20.20 -49.53
C LEU B 346 9.17 -19.16 -50.55
N LYS B 347 8.23 -18.65 -51.33
CA LYS B 347 8.53 -17.59 -52.29
C LYS B 347 9.04 -16.34 -51.59
N GLN B 348 8.42 -15.97 -50.47
CA GLN B 348 8.78 -14.75 -49.76
C GLN B 348 10.13 -14.84 -49.01
N LEU B 349 10.99 -15.83 -49.23
CA LEU B 349 12.23 -15.95 -48.46
C LEU B 349 13.44 -15.41 -49.19
N ASP B 350 13.45 -15.47 -50.53
CA ASP B 350 14.57 -15.09 -51.40
C ASP B 350 15.59 -14.11 -50.80
#